data_7Y9H
#
_entry.id   7Y9H
#
_cell.length_a   93.999
_cell.length_b   93.999
_cell.length_c   80.747
_cell.angle_alpha   90.000
_cell.angle_beta   90.000
_cell.angle_gamma   120.000
#
_symmetry.space_group_name_H-M   'P 32'
#
loop_
_entity.id
_entity.type
_entity.pdbx_description
1 polymer 'Diterpene synthase VenA'
2 non-polymer 'SODIUM ION'
3 non-polymer 1,2-ETHANEDIOL
4 non-polymer DI(HYDROXYETHYL)ETHER
5 water water
#
_entity_poly.entity_id   1
_entity_poly.type   'polypeptide(L)'
_entity_poly.pdbx_seq_one_letter_code
;EQIGGSVITDVDLTRRLLPGDGPGEFFLPPLPRLLPAGYHPDAARIEIASNGWVRRMLADCFDSEESLLFFLRQRNGIYG
PLTVPYAEADRAQNIADWYQFVTVIDSFVSDEAALGADHAAAAETFAAVVADLREGGAGGPAASLYGRAAQDLWRRIAAG
MSARQVDRLVAALEAFLRGCAEEIRSKLDKQVPHFEACMRVRVDSFGCEFLELLTEYAAEVDMSRAATEGLFDEVHHHGM
RQLILVNDLLSWRKEYAQRDTMTTVRVLCEVEGLELQDAVDRLCALVEHHERAYITARDAVLAGPHGHREDVRAYLSGLD
HLIGGSQEFEYLTPRYFGDGSVWDGSTSGWISLTASVARFRDAPAPAPSARPTRPLV
;
_entity_poly.pdbx_strand_id   A,B
#
# COMPACT_ATOMS: atom_id res chain seq x y z
N GLY A 22 -1.02 -33.05 -12.79
CA GLY A 22 -0.76 -31.60 -13.13
C GLY A 22 0.43 -31.08 -12.34
N PRO A 23 1.27 -30.16 -12.88
CA PRO A 23 2.36 -29.56 -12.11
C PRO A 23 1.84 -28.75 -10.91
N GLY A 24 2.61 -28.69 -9.82
CA GLY A 24 2.25 -28.01 -8.56
C GLY A 24 2.84 -26.60 -8.46
N GLU A 25 3.69 -26.25 -9.42
CA GLU A 25 4.47 -25.00 -9.42
C GLU A 25 4.99 -24.78 -10.84
N PHE A 26 5.54 -23.60 -11.11
CA PHE A 26 6.28 -23.30 -12.34
C PHE A 26 7.27 -22.21 -12.02
N PHE A 27 8.18 -22.01 -12.94
CA PHE A 27 9.23 -20.99 -12.80
C PHE A 27 8.87 -19.82 -13.72
N LEU A 28 8.79 -18.62 -13.17
CA LEU A 28 8.68 -17.38 -13.99
C LEU A 28 10.06 -16.76 -14.14
N PRO A 29 10.68 -16.81 -15.35
CA PRO A 29 11.99 -16.24 -15.52
C PRO A 29 11.87 -14.73 -15.44
N PRO A 30 13.00 -14.01 -15.33
CA PRO A 30 12.97 -12.55 -15.38
C PRO A 30 12.37 -12.02 -16.70
N LEU A 31 11.35 -11.17 -16.60
CA LEU A 31 10.76 -10.50 -17.79
C LEU A 31 11.53 -9.20 -18.07
N PRO A 32 11.48 -8.62 -19.29
CA PRO A 32 12.40 -7.55 -19.65
C PRO A 32 12.24 -6.32 -18.75
N ARG A 33 11.01 -6.00 -18.35
CA ARG A 33 10.70 -4.87 -17.45
C ARG A 33 11.49 -3.64 -17.95
N LEU A 34 11.38 -3.36 -19.24
CA LEU A 34 12.08 -2.23 -19.89
C LEU A 34 11.34 -0.92 -19.67
N LEU A 35 10.05 -0.94 -19.37
CA LEU A 35 9.25 0.30 -19.29
C LEU A 35 9.11 0.81 -17.85
N PRO A 36 9.01 2.14 -17.67
CA PRO A 36 8.90 2.77 -16.34
C PRO A 36 7.72 2.27 -15.50
N ALA A 37 7.95 1.79 -14.28
CA ALA A 37 6.91 1.57 -13.26
C ALA A 37 7.04 2.68 -12.22
N GLY A 38 6.26 3.73 -12.38
CA GLY A 38 6.25 4.85 -11.42
C GLY A 38 4.97 4.84 -10.60
N TYR A 39 5.10 5.26 -9.36
CA TYR A 39 4.00 5.51 -8.41
C TYR A 39 3.68 6.98 -8.41
N HIS A 40 2.40 7.30 -8.51
CA HIS A 40 1.88 8.66 -8.35
C HIS A 40 2.42 9.18 -7.02
N PRO A 41 2.81 10.45 -6.90
CA PRO A 41 3.33 10.96 -5.62
C PRO A 41 2.30 10.87 -4.47
N ASP A 42 1.01 10.71 -4.77
CA ASP A 42 -0.05 10.49 -3.75
C ASP A 42 -0.61 9.07 -3.78
N ALA A 43 0.15 8.09 -4.25
CA ALA A 43 -0.37 6.73 -4.53
C ALA A 43 -0.97 6.14 -3.27
N ALA A 44 -0.24 6.16 -2.12
CA ALA A 44 -0.71 5.50 -0.89
C ALA A 44 -2.08 6.07 -0.49
N ARG A 45 -2.19 7.39 -0.52
CA ARG A 45 -3.40 8.14 -0.14
C ARG A 45 -4.51 7.89 -1.16
N ILE A 46 -4.19 7.79 -2.45
CA ILE A 46 -5.26 7.58 -3.46
C ILE A 46 -5.86 6.17 -3.25
N GLU A 47 -5.05 5.21 -2.86
CA GLU A 47 -5.51 3.82 -2.61
C GLU A 47 -6.54 3.83 -1.49
N ILE A 48 -6.19 4.48 -0.36
CA ILE A 48 -7.10 4.57 0.81
C ILE A 48 -8.41 5.24 0.40
N ALA A 49 -8.33 6.41 -0.23
CA ALA A 49 -9.53 7.14 -0.68
C ALA A 49 -10.34 6.26 -1.65
N SER A 50 -9.66 5.43 -2.46
CA SER A 50 -10.34 4.58 -3.47
C SER A 50 -11.07 3.46 -2.72
N ASN A 51 -10.45 2.96 -1.66
CA ASN A 51 -11.09 1.98 -0.73
C ASN A 51 -12.33 2.65 -0.12
N GLY A 52 -12.23 3.91 0.29
CA GLY A 52 -13.40 4.67 0.78
C GLY A 52 -14.51 4.74 -0.28
N TRP A 53 -14.17 5.05 -1.54
CA TRP A 53 -15.19 5.09 -2.64
C TRP A 53 -15.81 3.69 -2.80
N VAL A 54 -15.00 2.65 -2.70
CA VAL A 54 -15.53 1.29 -2.90
C VAL A 54 -16.56 1.02 -1.78
N ARG A 55 -16.24 1.36 -0.55
CA ARG A 55 -17.21 1.10 0.53
C ARG A 55 -18.46 1.94 0.31
N ARG A 56 -18.31 3.23 0.00
CA ARG A 56 -19.48 4.14 -0.14
CA ARG A 56 -19.47 4.15 -0.15
C ARG A 56 -20.37 3.67 -1.30
N MET A 57 -19.80 3.22 -2.40
CA MET A 57 -20.59 2.95 -3.63
C MET A 57 -20.90 1.45 -3.76
N LEU A 58 -20.00 0.57 -3.36
CA LEU A 58 -20.08 -0.87 -3.72
C LEU A 58 -20.20 -1.81 -2.52
N ALA A 59 -20.29 -1.32 -1.27
CA ALA A 59 -20.32 -2.21 -0.09
C ALA A 59 -21.43 -3.25 -0.26
N ASP A 60 -22.57 -2.84 -0.81
CA ASP A 60 -23.77 -3.69 -0.90
C ASP A 60 -23.63 -4.64 -2.08
N CYS A 61 -22.57 -4.57 -2.88
CA CYS A 61 -22.31 -5.57 -3.94
C CYS A 61 -21.74 -6.85 -3.31
N PHE A 62 -21.20 -6.77 -2.12
CA PHE A 62 -20.52 -7.89 -1.45
C PHE A 62 -21.50 -8.52 -0.49
N ASP A 63 -21.35 -9.81 -0.22
CA ASP A 63 -22.28 -10.58 0.63
C ASP A 63 -22.11 -10.17 2.09
N SER A 64 -20.95 -9.61 2.45
CA SER A 64 -20.65 -9.27 3.86
C SER A 64 -19.52 -8.25 3.91
N GLU A 65 -19.34 -7.65 5.08
CA GLU A 65 -18.14 -6.84 5.43
C GLU A 65 -16.89 -7.68 5.12
N GLU A 66 -16.91 -8.96 5.46
CA GLU A 66 -15.71 -9.84 5.38
C GLU A 66 -15.36 -10.05 3.91
N SER A 67 -16.35 -10.12 3.02
CA SER A 67 -16.04 -10.32 1.58
C SER A 67 -15.63 -8.96 0.99
N LEU A 68 -16.14 -7.86 1.52
CA LEU A 68 -15.67 -6.50 1.13
C LEU A 68 -14.20 -6.36 1.54
N LEU A 69 -13.83 -6.75 2.75
CA LEU A 69 -12.41 -6.66 3.17
C LEU A 69 -11.52 -7.57 2.31
N PHE A 70 -11.95 -8.76 1.98
CA PHE A 70 -11.18 -9.65 1.11
C PHE A 70 -10.87 -8.90 -0.20
N PHE A 71 -11.85 -8.17 -0.75
CA PHE A 71 -11.65 -7.39 -1.99
C PHE A 71 -10.69 -6.21 -1.76
N LEU A 72 -10.88 -5.47 -0.66
CA LEU A 72 -9.99 -4.32 -0.34
C LEU A 72 -8.56 -4.77 -0.10
N ARG A 73 -8.34 -5.95 0.51
CA ARG A 73 -6.97 -6.47 0.73
C ARG A 73 -6.23 -6.70 -0.59
N GLN A 74 -6.93 -6.70 -1.74
CA GLN A 74 -6.24 -6.95 -3.04
C GLN A 74 -5.47 -5.70 -3.48
N ARG A 75 -5.65 -4.59 -2.78
CA ARG A 75 -4.96 -3.31 -3.12
C ARG A 75 -5.27 -2.87 -4.57
N ASN A 76 -6.46 -3.14 -5.09
CA ASN A 76 -6.81 -2.73 -6.47
C ASN A 76 -6.74 -1.20 -6.57
N GLY A 77 -6.90 -0.49 -5.46
CA GLY A 77 -6.84 0.97 -5.38
C GLY A 77 -5.48 1.57 -5.72
N ILE A 78 -4.39 0.80 -5.66
CA ILE A 78 -3.06 1.28 -6.07
C ILE A 78 -2.81 1.06 -7.58
N TYR A 79 -3.66 0.30 -8.29
CA TYR A 79 -3.52 0.14 -9.76
C TYR A 79 -3.47 1.54 -10.39
N GLY A 80 -4.49 2.36 -10.14
CA GLY A 80 -4.62 3.69 -10.78
C GLY A 80 -3.32 4.49 -10.63
N PRO A 81 -2.87 4.76 -9.38
CA PRO A 81 -1.64 5.51 -9.15
C PRO A 81 -0.36 4.88 -9.71
N LEU A 82 -0.35 3.56 -9.93
CA LEU A 82 0.81 2.86 -10.56
C LEU A 82 0.81 2.98 -12.07
N THR A 83 -0.34 3.29 -12.70
CA THR A 83 -0.44 3.37 -14.17
C THR A 83 -0.47 4.81 -14.65
N VAL A 84 -0.90 5.78 -13.83
CA VAL A 84 -0.93 7.22 -14.24
C VAL A 84 -0.19 8.06 -13.18
N PRO A 85 1.09 7.77 -12.91
CA PRO A 85 1.85 8.47 -11.89
C PRO A 85 2.14 9.94 -12.19
N TYR A 86 1.99 10.34 -13.46
CA TYR A 86 2.22 11.70 -14.01
C TYR A 86 0.92 12.51 -13.94
N ALA A 87 -0.25 11.87 -13.71
CA ALA A 87 -1.57 12.53 -13.78
C ALA A 87 -1.75 13.51 -12.60
N GLU A 88 -2.66 14.46 -12.75
CA GLU A 88 -3.16 15.25 -11.60
C GLU A 88 -3.88 14.28 -10.65
N ALA A 89 -3.79 14.54 -9.36
CA ALA A 89 -4.32 13.69 -8.27
C ALA A 89 -5.79 13.36 -8.54
N ASP A 90 -6.60 14.31 -9.00
CA ASP A 90 -8.06 14.11 -9.16
C ASP A 90 -8.30 13.06 -10.25
N ARG A 91 -7.60 13.14 -11.37
CA ARG A 91 -7.74 12.19 -12.50
C ARG A 91 -7.19 10.82 -12.09
N ALA A 92 -6.05 10.80 -11.39
CA ALA A 92 -5.49 9.55 -10.85
C ALA A 92 -6.51 8.86 -9.93
N GLN A 93 -7.19 9.63 -9.09
CA GLN A 93 -8.24 9.10 -8.18
C GLN A 93 -9.38 8.52 -9.03
N ASN A 94 -9.80 9.23 -10.04
CA ASN A 94 -10.94 8.83 -10.89
C ASN A 94 -10.60 7.49 -11.55
N ILE A 95 -9.35 7.35 -12.01
CA ILE A 95 -8.88 6.12 -12.68
C ILE A 95 -8.71 5.01 -11.61
N ALA A 96 -8.19 5.35 -10.43
CA ALA A 96 -8.06 4.38 -9.34
C ALA A 96 -9.44 3.77 -9.07
N ASP A 97 -10.47 4.61 -8.93
CA ASP A 97 -11.82 4.16 -8.57
C ASP A 97 -12.40 3.34 -9.72
N TRP A 98 -12.20 3.79 -10.95
CA TRP A 98 -12.64 3.07 -12.17
C TRP A 98 -12.04 1.65 -12.16
N TYR A 99 -10.76 1.51 -11.89
CA TYR A 99 -10.13 0.18 -11.97
C TYR A 99 -10.72 -0.73 -10.88
N GLN A 100 -10.88 -0.23 -9.66
CA GLN A 100 -11.52 -1.03 -8.60
C GLN A 100 -12.91 -1.45 -9.08
N PHE A 101 -13.70 -0.54 -9.65
CA PHE A 101 -15.08 -0.86 -10.11
C PHE A 101 -15.03 -1.95 -11.17
N VAL A 102 -14.13 -1.83 -12.13
CA VAL A 102 -14.01 -2.82 -13.25
C VAL A 102 -13.58 -4.20 -12.72
N THR A 103 -12.73 -4.22 -11.70
CA THR A 103 -12.30 -5.46 -11.03
C THR A 103 -13.52 -6.11 -10.34
N VAL A 104 -14.37 -5.33 -9.68
CA VAL A 104 -15.62 -5.90 -9.10
C VAL A 104 -16.48 -6.48 -10.23
N ILE A 105 -16.71 -5.76 -11.32
CA ILE A 105 -17.58 -6.21 -12.42
C ILE A 105 -17.01 -7.52 -12.98
N ASP A 106 -15.71 -7.52 -13.24
CA ASP A 106 -14.97 -8.67 -13.77
C ASP A 106 -15.17 -9.89 -12.85
N SER A 107 -14.99 -9.75 -11.54
CA SER A 107 -15.20 -10.88 -10.61
C SER A 107 -16.69 -11.30 -10.60
N PHE A 108 -17.65 -10.42 -10.80
CA PHE A 108 -19.09 -10.83 -10.78
C PHE A 108 -19.41 -11.64 -12.05
N VAL A 109 -19.03 -11.14 -13.23
CA VAL A 109 -19.40 -11.80 -14.52
C VAL A 109 -18.57 -13.09 -14.73
N SER A 110 -17.44 -13.22 -14.04
CA SER A 110 -16.49 -14.37 -14.07
C SER A 110 -16.97 -15.50 -13.16
N ASP A 111 -18.07 -15.29 -12.44
CA ASP A 111 -18.52 -16.15 -11.32
C ASP A 111 -19.82 -16.83 -11.74
N GLU A 112 -19.75 -18.11 -12.13
CA GLU A 112 -20.86 -18.91 -12.73
C GLU A 112 -22.05 -18.97 -11.75
N ALA A 113 -21.79 -18.95 -10.45
CA ALA A 113 -22.83 -18.97 -9.40
C ALA A 113 -23.59 -17.65 -9.38
N ALA A 114 -22.88 -16.52 -9.45
CA ALA A 114 -23.50 -15.17 -9.40
C ALA A 114 -24.29 -14.94 -10.69
N LEU A 115 -23.78 -15.47 -11.80
CA LEU A 115 -24.22 -15.15 -13.18
C LEU A 115 -25.30 -16.14 -13.63
N GLY A 116 -25.06 -17.43 -13.37
CA GLY A 116 -25.79 -18.58 -13.94
C GLY A 116 -24.84 -19.47 -14.73
N ALA A 117 -25.00 -20.79 -14.65
CA ALA A 117 -24.19 -21.80 -15.35
C ALA A 117 -25.02 -22.51 -16.43
N ASP A 118 -26.05 -21.83 -16.96
CA ASP A 118 -26.76 -22.18 -18.23
C ASP A 118 -26.96 -20.89 -19.02
N HIS A 119 -27.09 -20.98 -20.34
CA HIS A 119 -27.19 -19.80 -21.25
C HIS A 119 -28.28 -18.84 -20.74
N ALA A 120 -29.47 -19.37 -20.45
CA ALA A 120 -30.69 -18.60 -20.10
C ALA A 120 -30.41 -17.70 -18.89
N ALA A 121 -29.97 -18.29 -17.77
CA ALA A 121 -29.71 -17.59 -16.48
C ALA A 121 -28.55 -16.59 -16.64
N ALA A 122 -27.45 -17.02 -17.27
CA ALA A 122 -26.27 -16.19 -17.59
C ALA A 122 -26.72 -14.95 -18.35
N ALA A 123 -27.45 -15.14 -19.45
CA ALA A 123 -27.87 -14.02 -20.33
C ALA A 123 -28.71 -13.01 -19.53
N GLU A 124 -29.60 -13.48 -18.66
CA GLU A 124 -30.51 -12.58 -17.92
C GLU A 124 -29.69 -11.72 -16.95
N THR A 125 -28.81 -12.36 -16.19
CA THR A 125 -27.93 -11.67 -15.22
C THR A 125 -27.08 -10.68 -16.00
N PHE A 126 -26.45 -11.15 -17.06
CA PHE A 126 -25.52 -10.32 -17.85
C PHE A 126 -26.31 -9.12 -18.41
N ALA A 127 -27.55 -9.33 -18.89
CA ALA A 127 -28.35 -8.24 -19.49
C ALA A 127 -28.56 -7.14 -18.43
N ALA A 128 -28.77 -7.52 -17.16
CA ALA A 128 -28.96 -6.60 -16.01
C ALA A 128 -27.69 -5.78 -15.76
N VAL A 129 -26.53 -6.43 -15.79
CA VAL A 129 -25.20 -5.75 -15.67
C VAL A 129 -25.04 -4.74 -16.82
N VAL A 130 -25.34 -5.16 -18.04
CA VAL A 130 -25.24 -4.29 -19.25
C VAL A 130 -26.15 -3.06 -19.05
N ALA A 131 -27.39 -3.27 -18.67
CA ALA A 131 -28.39 -2.19 -18.53
C ALA A 131 -27.91 -1.25 -17.41
N ASP A 132 -27.50 -1.82 -16.28
CA ASP A 132 -26.98 -1.06 -15.11
C ASP A 132 -25.80 -0.18 -15.56
N LEU A 133 -24.80 -0.71 -16.27
CA LEU A 133 -23.58 0.08 -16.58
C LEU A 133 -23.91 1.13 -17.64
N ARG A 134 -24.88 0.87 -18.52
CA ARG A 134 -25.26 1.81 -19.59
C ARG A 134 -26.01 3.02 -18.98
N GLU A 135 -26.53 2.88 -17.77
CA GLU A 135 -27.06 4.04 -16.99
C GLU A 135 -25.96 5.09 -16.71
N GLY A 136 -24.69 4.69 -16.77
CA GLY A 136 -23.51 5.54 -16.50
C GLY A 136 -23.62 6.94 -17.09
N GLY A 137 -23.88 7.06 -18.39
CA GLY A 137 -23.94 8.35 -19.10
C GLY A 137 -25.35 8.86 -19.33
N ALA A 138 -26.38 8.35 -18.63
CA ALA A 138 -27.80 8.78 -18.81
C ALA A 138 -28.16 9.97 -17.92
N GLY A 139 -29.26 10.63 -18.25
CA GLY A 139 -29.66 11.91 -17.65
C GLY A 139 -30.47 11.71 -16.38
N GLY A 140 -31.21 10.61 -16.30
CA GLY A 140 -31.98 10.23 -15.10
C GLY A 140 -31.10 9.52 -14.08
N PRO A 141 -31.44 9.57 -12.79
CA PRO A 141 -30.64 8.92 -11.78
C PRO A 141 -30.74 7.41 -11.96
N ALA A 142 -29.65 6.70 -11.75
CA ALA A 142 -29.57 5.22 -11.66
C ALA A 142 -30.23 4.77 -10.35
N ALA A 143 -30.91 3.62 -10.38
CA ALA A 143 -31.42 2.93 -9.17
C ALA A 143 -30.45 1.83 -8.70
N SER A 144 -29.69 1.22 -9.61
CA SER A 144 -28.84 0.03 -9.29
C SER A 144 -27.54 0.51 -8.66
N LEU A 145 -26.90 -0.40 -7.92
CA LEU A 145 -25.57 -0.20 -7.32
C LEU A 145 -24.56 0.06 -8.45
N TYR A 146 -24.54 -0.77 -9.49
CA TYR A 146 -23.59 -0.59 -10.62
C TYR A 146 -23.93 0.72 -11.35
N GLY A 147 -25.21 1.03 -11.53
CA GLY A 147 -25.60 2.28 -12.22
C GLY A 147 -25.10 3.51 -11.48
N ARG A 148 -25.30 3.58 -10.17
CA ARG A 148 -24.89 4.76 -9.38
C ARG A 148 -23.37 4.89 -9.40
N ALA A 149 -22.63 3.79 -9.29
CA ALA A 149 -21.16 3.77 -9.34
C ALA A 149 -20.70 4.29 -10.70
N ALA A 150 -21.27 3.73 -11.77
CA ALA A 150 -20.95 4.13 -13.18
C ALA A 150 -21.33 5.61 -13.38
N GLN A 151 -22.46 6.06 -12.86
CA GLN A 151 -22.86 7.49 -13.03
C GLN A 151 -21.83 8.34 -12.31
N ASP A 152 -21.47 7.97 -11.09
CA ASP A 152 -20.48 8.75 -10.34
C ASP A 152 -19.20 8.87 -11.19
N LEU A 153 -18.68 7.76 -11.71
CA LEU A 153 -17.38 7.74 -12.43
C LEU A 153 -17.52 8.50 -13.76
N TRP A 154 -18.63 8.30 -14.47
CA TRP A 154 -18.91 9.01 -15.75
C TRP A 154 -18.90 10.52 -15.51
N ARG A 155 -19.69 10.99 -14.53
CA ARG A 155 -19.76 12.46 -14.25
C ARG A 155 -18.36 13.02 -13.91
N ARG A 156 -17.56 12.29 -13.16
CA ARG A 156 -16.22 12.78 -12.77
C ARG A 156 -15.30 12.81 -14.00
N ILE A 157 -15.34 11.79 -14.85
CA ILE A 157 -14.34 11.62 -15.93
C ILE A 157 -14.78 12.41 -17.16
N ALA A 158 -16.03 12.27 -17.59
CA ALA A 158 -16.54 12.90 -18.83
C ALA A 158 -16.36 14.41 -18.73
N ALA A 159 -16.34 14.96 -17.52
CA ALA A 159 -16.12 16.40 -17.27
C ALA A 159 -14.74 16.83 -17.78
N GLY A 160 -13.73 15.95 -17.84
CA GLY A 160 -12.36 16.27 -18.32
C GLY A 160 -12.14 15.84 -19.75
N MET A 161 -13.21 15.51 -20.46
CA MET A 161 -13.12 14.90 -21.81
C MET A 161 -13.81 15.78 -22.84
N SER A 162 -13.32 15.72 -24.06
CA SER A 162 -13.92 16.33 -25.26
C SER A 162 -15.16 15.50 -25.63
N ALA A 163 -16.07 16.10 -26.38
CA ALA A 163 -17.28 15.43 -26.89
C ALA A 163 -16.87 14.14 -27.61
N ARG A 164 -15.82 14.19 -28.44
CA ARG A 164 -15.38 13.00 -29.19
C ARG A 164 -14.90 11.96 -28.15
N GLN A 165 -14.14 12.33 -27.13
CA GLN A 165 -13.69 11.34 -26.10
C GLN A 165 -14.91 10.74 -25.39
N VAL A 166 -15.95 11.54 -25.13
CA VAL A 166 -17.16 11.01 -24.44
C VAL A 166 -17.81 9.95 -25.33
N ASP A 167 -17.95 10.20 -26.64
CA ASP A 167 -18.52 9.19 -27.57
C ASP A 167 -17.64 7.93 -27.50
N ARG A 168 -16.32 8.12 -27.46
CA ARG A 168 -15.36 6.99 -27.46
C ARG A 168 -15.51 6.22 -26.15
N LEU A 169 -15.82 6.91 -25.06
CA LEU A 169 -16.04 6.30 -23.72
C LEU A 169 -17.23 5.33 -23.82
N VAL A 170 -18.31 5.76 -24.47
CA VAL A 170 -19.50 4.91 -24.78
C VAL A 170 -19.03 3.66 -25.54
N ALA A 171 -18.22 3.84 -26.58
CA ALA A 171 -17.75 2.73 -27.43
C ALA A 171 -16.83 1.81 -26.62
N ALA A 172 -16.08 2.37 -25.69
CA ALA A 172 -15.13 1.60 -24.85
C ALA A 172 -15.94 0.66 -23.95
N LEU A 173 -17.01 1.18 -23.33
CA LEU A 173 -17.86 0.34 -22.47
C LEU A 173 -18.43 -0.81 -23.31
N GLU A 174 -18.94 -0.48 -24.50
CA GLU A 174 -19.55 -1.48 -25.40
C GLU A 174 -18.50 -2.54 -25.73
N ALA A 175 -17.27 -2.13 -26.09
CA ALA A 175 -16.18 -3.09 -26.40
C ALA A 175 -15.94 -4.00 -25.19
N PHE A 176 -15.79 -3.44 -23.99
CA PHE A 176 -15.58 -4.20 -22.73
C PHE A 176 -16.70 -5.22 -22.55
N LEU A 177 -17.96 -4.82 -22.72
CA LEU A 177 -19.12 -5.70 -22.48
C LEU A 177 -19.15 -6.81 -23.54
N ARG A 178 -18.83 -6.53 -24.80
CA ARG A 178 -18.74 -7.53 -25.90
C ARG A 178 -17.71 -8.58 -25.52
N GLY A 179 -16.57 -8.13 -25.01
CA GLY A 179 -15.46 -8.99 -24.60
C GLY A 179 -15.91 -9.87 -23.46
N CYS A 180 -16.49 -9.29 -22.41
CA CYS A 180 -17.08 -10.05 -21.27
C CYS A 180 -18.06 -11.10 -21.80
N ALA A 181 -18.98 -10.72 -22.68
CA ALA A 181 -19.98 -11.68 -23.23
C ALA A 181 -19.23 -12.84 -23.88
N GLU A 182 -18.19 -12.58 -24.68
CA GLU A 182 -17.41 -13.65 -25.37
C GLU A 182 -16.71 -14.55 -24.34
N GLU A 183 -16.16 -13.99 -23.26
CA GLU A 183 -15.53 -14.81 -22.18
C GLU A 183 -16.56 -15.68 -21.49
N ILE A 184 -17.71 -15.11 -21.11
CA ILE A 184 -18.83 -15.89 -20.54
C ILE A 184 -19.19 -17.06 -21.48
N ARG A 185 -19.42 -16.79 -22.76
CA ARG A 185 -19.84 -17.83 -23.74
C ARG A 185 -18.78 -18.94 -23.81
N SER A 186 -17.51 -18.58 -23.80
CA SER A 186 -16.38 -19.55 -23.86
C SER A 186 -16.50 -20.53 -22.67
N LYS A 187 -16.89 -20.07 -21.47
CA LYS A 187 -17.18 -20.98 -20.32
C LYS A 187 -18.44 -21.82 -20.58
N LEU A 188 -19.58 -21.20 -20.81
CA LEU A 188 -20.86 -21.91 -21.13
C LEU A 188 -20.64 -23.02 -22.16
N ASP A 189 -19.93 -22.73 -23.26
CA ASP A 189 -19.73 -23.65 -24.41
C ASP A 189 -18.50 -24.55 -24.18
N LYS A 190 -17.75 -24.35 -23.10
CA LYS A 190 -16.58 -25.17 -22.71
C LYS A 190 -15.58 -25.27 -23.88
N GLN A 191 -15.22 -24.14 -24.46
CA GLN A 191 -14.40 -24.04 -25.70
C GLN A 191 -13.22 -23.12 -25.42
N VAL A 192 -11.98 -23.60 -25.44
CA VAL A 192 -10.76 -22.75 -25.32
C VAL A 192 -10.45 -22.18 -26.71
N PRO A 193 -10.36 -20.86 -26.87
CA PRO A 193 -10.07 -20.27 -28.17
C PRO A 193 -8.63 -20.60 -28.57
N HIS A 194 -8.38 -20.64 -29.88
CA HIS A 194 -6.99 -20.60 -30.42
C HIS A 194 -6.36 -19.26 -30.07
N PHE A 195 -5.04 -19.17 -30.14
CA PHE A 195 -4.30 -18.02 -29.58
C PHE A 195 -4.83 -16.71 -30.18
N GLU A 196 -4.95 -16.60 -31.51
CA GLU A 196 -5.37 -15.33 -32.18
C GLU A 196 -6.79 -14.96 -31.73
N ALA A 197 -7.69 -15.92 -31.54
CA ALA A 197 -9.07 -15.62 -31.10
C ALA A 197 -9.05 -15.19 -29.63
N CYS A 198 -8.19 -15.83 -28.83
CA CYS A 198 -7.96 -15.42 -27.42
C CYS A 198 -7.53 -13.95 -27.38
N MET A 199 -6.50 -13.57 -28.14
CA MET A 199 -5.98 -12.18 -28.13
C MET A 199 -7.06 -11.21 -28.64
N ARG A 200 -7.78 -11.58 -29.68
CA ARG A 200 -8.84 -10.74 -30.28
C ARG A 200 -9.95 -10.49 -29.24
N VAL A 201 -10.38 -11.50 -28.47
CA VAL A 201 -11.40 -11.30 -27.41
C VAL A 201 -10.83 -10.39 -26.31
N ARG A 202 -9.60 -10.65 -25.89
CA ARG A 202 -9.02 -10.05 -24.66
C ARG A 202 -8.78 -8.57 -24.92
N VAL A 203 -8.61 -8.14 -26.16
CA VAL A 203 -8.44 -6.68 -26.40
C VAL A 203 -9.75 -6.00 -25.97
N ASP A 204 -10.88 -6.67 -26.20
CA ASP A 204 -12.21 -6.21 -25.70
C ASP A 204 -12.27 -6.40 -24.20
N SER A 205 -12.13 -7.65 -23.71
CA SER A 205 -12.46 -8.00 -22.30
C SER A 205 -11.49 -7.34 -21.33
N PHE A 206 -10.27 -7.01 -21.77
CA PHE A 206 -9.21 -6.41 -20.90
C PHE A 206 -9.49 -4.91 -20.77
N GLY A 207 -10.36 -4.37 -21.61
CA GLY A 207 -10.75 -2.95 -21.64
C GLY A 207 -9.70 -2.05 -22.28
N CYS A 208 -9.02 -2.55 -23.32
CA CYS A 208 -7.94 -1.80 -24.01
C CYS A 208 -8.44 -0.43 -24.49
N GLU A 209 -9.64 -0.33 -25.06
CA GLU A 209 -10.17 0.98 -25.53
C GLU A 209 -10.33 1.91 -24.33
N PHE A 210 -10.86 1.40 -23.19
CA PHE A 210 -10.89 2.15 -21.91
C PHE A 210 -9.49 2.61 -21.55
N LEU A 211 -8.50 1.72 -21.61
CA LEU A 211 -7.17 2.08 -21.08
C LEU A 211 -6.54 3.18 -21.96
N GLU A 212 -6.74 3.07 -23.26
CA GLU A 212 -6.18 4.04 -24.24
C GLU A 212 -6.80 5.43 -23.93
N LEU A 213 -8.11 5.48 -23.86
CA LEU A 213 -8.85 6.73 -23.63
C LEU A 213 -8.47 7.28 -22.25
N LEU A 214 -8.40 6.41 -21.23
CA LEU A 214 -8.10 6.86 -19.86
C LEU A 214 -6.66 7.37 -19.86
N THR A 215 -5.78 6.80 -20.68
CA THR A 215 -4.39 7.28 -20.77
C THR A 215 -4.41 8.68 -21.40
N GLU A 216 -5.25 8.93 -22.41
CA GLU A 216 -5.37 10.32 -22.94
C GLU A 216 -5.86 11.27 -21.85
N TYR A 217 -6.89 10.85 -21.12
CA TYR A 217 -7.54 11.63 -20.04
C TYR A 217 -6.49 11.98 -18.99
N ALA A 218 -5.69 11.00 -18.55
CA ALA A 218 -4.68 11.21 -17.49
C ALA A 218 -3.62 12.19 -17.98
N ALA A 219 -3.22 12.06 -19.23
CA ALA A 219 -2.19 12.92 -19.85
C ALA A 219 -2.78 14.27 -20.25
N GLU A 220 -4.11 14.43 -20.18
CA GLU A 220 -4.86 15.66 -20.51
C GLU A 220 -4.62 15.99 -21.97
N VAL A 221 -4.77 15.01 -22.85
CA VAL A 221 -4.62 15.20 -24.30
C VAL A 221 -5.87 14.60 -24.93
N ASP A 222 -6.01 14.79 -26.23
CA ASP A 222 -7.10 14.17 -27.01
C ASP A 222 -6.42 13.61 -28.27
N MET A 223 -6.30 12.29 -28.36
CA MET A 223 -5.64 11.63 -29.50
C MET A 223 -6.69 11.09 -30.46
N SER A 224 -7.95 11.57 -30.36
CA SER A 224 -9.08 10.99 -31.12
C SER A 224 -8.75 10.99 -32.63
N ARG A 225 -8.28 12.11 -33.16
CA ARG A 225 -7.93 12.31 -34.59
C ARG A 225 -6.77 11.36 -34.94
N ALA A 226 -5.65 11.42 -34.22
CA ALA A 226 -4.49 10.54 -34.47
C ALA A 226 -4.91 9.06 -34.45
N ALA A 227 -5.76 8.66 -33.53
CA ALA A 227 -6.15 7.25 -33.39
C ALA A 227 -6.98 6.85 -34.62
N THR A 228 -7.89 7.73 -35.05
CA THR A 228 -8.74 7.54 -36.24
C THR A 228 -7.85 7.36 -37.49
N GLU A 229 -6.77 8.11 -37.58
CA GLU A 229 -5.83 8.04 -38.73
C GLU A 229 -4.87 6.85 -38.58
N GLY A 230 -4.91 6.13 -37.45
CA GLY A 230 -4.11 4.91 -37.21
C GLY A 230 -2.68 5.22 -36.82
N LEU A 231 -2.39 6.40 -36.30
CA LEU A 231 -1.00 6.71 -35.87
C LEU A 231 -0.50 5.67 -34.85
N PHE A 232 -1.38 5.15 -33.99
CA PHE A 232 -1.00 4.28 -32.86
C PHE A 232 -1.41 2.83 -33.11
N ASP A 233 -1.69 2.41 -34.34
CA ASP A 233 -2.11 0.99 -34.57
C ASP A 233 -1.01 0.02 -34.14
N GLU A 234 0.26 0.27 -34.47
CA GLU A 234 1.35 -0.67 -34.12
C GLU A 234 1.63 -0.59 -32.61
N VAL A 235 1.71 0.62 -32.10
CA VAL A 235 1.95 0.94 -30.68
C VAL A 235 0.89 0.21 -29.84
N HIS A 236 -0.38 0.32 -30.23
CA HIS A 236 -1.52 -0.31 -29.52
C HIS A 236 -1.44 -1.84 -29.64
N HIS A 237 -1.26 -2.35 -30.87
CA HIS A 237 -1.20 -3.78 -31.16
C HIS A 237 -0.20 -4.44 -30.20
N HIS A 238 1.04 -3.94 -30.17
CA HIS A 238 2.11 -4.59 -29.36
C HIS A 238 1.97 -4.27 -27.86
N GLY A 239 1.61 -3.04 -27.50
CA GLY A 239 1.48 -2.63 -26.08
C GLY A 239 0.38 -3.38 -25.37
N MET A 240 -0.79 -3.50 -26.03
CA MET A 240 -1.94 -4.24 -25.47
C MET A 240 -1.62 -5.74 -25.43
N ARG A 241 -0.92 -6.27 -26.43
CA ARG A 241 -0.57 -7.70 -26.36
C ARG A 241 0.37 -7.92 -25.18
N GLN A 242 1.34 -7.05 -25.01
CA GLN A 242 2.28 -7.13 -23.87
C GLN A 242 1.48 -7.13 -22.56
N LEU A 243 0.56 -6.18 -22.39
CA LEU A 243 -0.26 -6.07 -21.15
C LEU A 243 -1.06 -7.35 -20.90
N ILE A 244 -1.71 -7.88 -21.95
CA ILE A 244 -2.57 -9.09 -21.80
C ILE A 244 -1.67 -10.28 -21.43
N LEU A 245 -0.53 -10.44 -22.10
CA LEU A 245 0.34 -11.62 -21.87
C LEU A 245 0.92 -11.57 -20.45
N VAL A 246 1.37 -10.42 -20.02
CA VAL A 246 1.98 -10.32 -18.65
C VAL A 246 0.86 -10.64 -17.65
N ASN A 247 -0.35 -10.12 -17.86
CA ASN A 247 -1.50 -10.35 -16.98
C ASN A 247 -1.80 -11.85 -16.93
N ASP A 248 -1.71 -12.52 -18.07
CA ASP A 248 -2.02 -13.97 -18.14
C ASP A 248 -1.00 -14.76 -17.31
N LEU A 249 0.28 -14.40 -17.44
CA LEU A 249 1.37 -15.04 -16.69
C LEU A 249 1.16 -14.84 -15.19
N LEU A 250 0.92 -13.62 -14.75
CA LEU A 250 0.80 -13.32 -13.29
C LEU A 250 -0.56 -13.77 -12.72
N SER A 251 -1.61 -13.90 -13.52
CA SER A 251 -2.93 -14.39 -13.06
C SER A 251 -3.03 -15.92 -13.09
N TRP A 252 -2.09 -16.65 -13.68
CA TRP A 252 -2.30 -18.10 -13.94
C TRP A 252 -2.51 -18.84 -12.61
N ARG A 253 -1.69 -18.54 -11.61
CA ARG A 253 -1.79 -19.14 -10.24
C ARG A 253 -3.25 -19.16 -9.84
N LYS A 254 -4.00 -18.10 -10.08
CA LYS A 254 -5.38 -18.04 -9.54
C LYS A 254 -6.35 -18.68 -10.55
N GLU A 255 -6.00 -18.67 -11.82
CA GLU A 255 -6.92 -19.16 -12.88
C GLU A 255 -6.75 -20.67 -13.12
N TYR A 256 -5.66 -21.31 -12.64
CA TYR A 256 -5.18 -22.63 -13.14
C TYR A 256 -6.21 -23.72 -12.82
N ALA A 257 -6.89 -23.65 -11.68
CA ALA A 257 -7.84 -24.71 -11.27
C ALA A 257 -9.21 -24.38 -11.86
N GLN A 258 -9.46 -23.11 -12.21
CA GLN A 258 -10.76 -22.67 -12.80
C GLN A 258 -10.78 -23.17 -14.25
N ARG A 259 -11.92 -23.12 -14.93
CA ARG A 259 -12.12 -23.93 -16.16
C ARG A 259 -12.50 -23.03 -17.34
N ASP A 260 -11.96 -23.37 -18.53
CA ASP A 260 -12.26 -22.79 -19.87
C ASP A 260 -12.03 -21.26 -19.89
N THR A 261 -11.42 -20.71 -18.83
CA THR A 261 -11.09 -19.26 -18.73
C THR A 261 -10.21 -18.90 -19.95
N MET A 262 -10.22 -17.62 -20.29
CA MET A 262 -9.68 -17.05 -21.55
C MET A 262 -8.27 -16.51 -21.26
N THR A 263 -7.29 -17.38 -21.15
CA THR A 263 -5.90 -17.04 -20.83
C THR A 263 -5.02 -17.85 -21.79
N THR A 264 -4.02 -17.17 -22.31
CA THR A 264 -3.04 -17.75 -23.27
C THR A 264 -2.30 -18.93 -22.62
N VAL A 265 -2.19 -18.98 -21.27
CA VAL A 265 -1.53 -20.15 -20.63
C VAL A 265 -2.38 -21.37 -20.95
N ARG A 266 -3.70 -21.28 -20.77
CA ARG A 266 -4.62 -22.39 -21.11
C ARG A 266 -4.57 -22.67 -22.62
N VAL A 267 -4.52 -21.65 -23.46
CA VAL A 267 -4.48 -21.84 -24.93
C VAL A 267 -3.26 -22.72 -25.24
N LEU A 268 -2.08 -22.33 -24.76
CA LEU A 268 -0.82 -23.02 -25.14
C LEU A 268 -0.83 -24.44 -24.58
N CYS A 269 -1.30 -24.65 -23.36
CA CYS A 269 -1.39 -25.98 -22.74
C CYS A 269 -2.45 -26.82 -23.45
N GLU A 270 -3.69 -26.34 -23.55
CA GLU A 270 -4.81 -27.23 -23.93
C GLU A 270 -5.00 -27.24 -25.45
N VAL A 271 -4.81 -26.12 -26.15
CA VAL A 271 -5.05 -26.10 -27.61
C VAL A 271 -3.81 -26.62 -28.32
N GLU A 272 -2.65 -26.07 -27.98
CA GLU A 272 -1.36 -26.32 -28.66
C GLU A 272 -0.58 -27.48 -27.99
N GLY A 273 -1.08 -28.04 -26.90
CA GLY A 273 -0.55 -29.26 -26.22
C GLY A 273 0.79 -29.04 -25.49
N LEU A 274 1.14 -27.82 -25.10
CA LEU A 274 2.45 -27.57 -24.44
C LEU A 274 2.32 -27.97 -22.98
N GLU A 275 3.40 -28.46 -22.38
CA GLU A 275 3.56 -28.57 -20.91
C GLU A 275 3.62 -27.16 -20.32
N LEU A 276 3.11 -27.01 -19.09
CA LEU A 276 3.04 -25.69 -18.43
C LEU A 276 4.37 -24.94 -18.54
N GLN A 277 5.52 -25.55 -18.22
CA GLN A 277 6.75 -24.74 -18.17
C GLN A 277 7.07 -24.28 -19.57
N ASP A 278 6.81 -25.13 -20.58
CA ASP A 278 7.12 -24.75 -21.97
C ASP A 278 6.22 -23.56 -22.36
N ALA A 279 4.95 -23.62 -22.01
CA ALA A 279 3.95 -22.55 -22.26
C ALA A 279 4.42 -21.25 -21.59
N VAL A 280 4.80 -21.33 -20.32
CA VAL A 280 5.31 -20.15 -19.58
C VAL A 280 6.51 -19.59 -20.33
N ASP A 281 7.51 -20.43 -20.66
CA ASP A 281 8.74 -19.93 -21.32
C ASP A 281 8.37 -19.26 -22.66
N ARG A 282 7.49 -19.88 -23.41
CA ARG A 282 7.00 -19.34 -24.72
C ARG A 282 6.33 -17.98 -24.48
N LEU A 283 5.51 -17.86 -23.45
CA LEU A 283 4.78 -16.59 -23.22
C LEU A 283 5.74 -15.51 -22.77
N CYS A 284 6.75 -15.84 -21.97
CA CYS A 284 7.78 -14.86 -21.58
C CYS A 284 8.54 -14.37 -22.80
N ALA A 285 8.88 -15.27 -23.74
CA ALA A 285 9.55 -14.88 -25.00
C ALA A 285 8.61 -13.93 -25.72
N LEU A 286 7.31 -14.22 -25.74
CA LEU A 286 6.32 -13.40 -26.46
C LEU A 286 6.17 -12.05 -25.77
N VAL A 287 6.13 -12.02 -24.43
CA VAL A 287 6.10 -10.71 -23.74
C VAL A 287 7.27 -9.88 -24.28
N GLU A 288 8.46 -10.45 -24.32
CA GLU A 288 9.65 -9.68 -24.72
C GLU A 288 9.53 -9.26 -26.18
N HIS A 289 9.08 -10.16 -27.05
CA HIS A 289 8.80 -9.83 -28.48
C HIS A 289 7.94 -8.56 -28.56
N HIS A 290 6.77 -8.58 -27.93
CA HIS A 290 5.79 -7.47 -28.06
C HIS A 290 6.29 -6.22 -27.33
N GLU A 291 7.04 -6.40 -26.24
CA GLU A 291 7.55 -5.25 -25.47
C GLU A 291 8.58 -4.49 -26.33
N ARG A 292 9.50 -5.21 -26.96
CA ARG A 292 10.50 -4.65 -27.88
C ARG A 292 9.80 -4.10 -29.12
N ALA A 293 8.75 -4.77 -29.63
CA ALA A 293 8.02 -4.27 -30.81
C ALA A 293 7.25 -3.00 -30.42
N TYR A 294 6.77 -2.90 -29.18
CA TYR A 294 6.09 -1.69 -28.66
C TYR A 294 7.10 -0.54 -28.67
N ILE A 295 8.29 -0.77 -28.11
CA ILE A 295 9.33 0.29 -28.01
C ILE A 295 9.71 0.73 -29.43
N THR A 296 9.88 -0.22 -30.35
CA THR A 296 10.23 0.11 -31.76
C THR A 296 9.12 0.95 -32.38
N ALA A 297 7.89 0.50 -32.26
CA ALA A 297 6.70 1.20 -32.81
C ALA A 297 6.58 2.60 -32.18
N ARG A 298 6.84 2.70 -30.88
CA ARG A 298 6.74 3.96 -30.15
C ARG A 298 7.83 4.91 -30.68
N ASP A 299 9.05 4.40 -30.79
CA ASP A 299 10.20 5.20 -31.25
C ASP A 299 9.95 5.67 -32.69
N ALA A 300 9.32 4.84 -33.53
CA ALA A 300 8.96 5.25 -34.91
C ALA A 300 8.00 6.44 -34.87
N VAL A 301 6.98 6.42 -34.01
CA VAL A 301 6.03 7.57 -33.91
C VAL A 301 6.82 8.78 -33.47
N LEU A 302 7.68 8.63 -32.47
CA LEU A 302 8.47 9.72 -31.88
C LEU A 302 9.42 10.30 -32.95
N ALA A 303 9.88 9.50 -33.93
CA ALA A 303 10.82 9.95 -34.99
C ALA A 303 10.03 10.46 -36.20
N GLY A 304 8.73 10.19 -36.26
CA GLY A 304 7.88 10.49 -37.41
C GLY A 304 7.31 11.92 -37.36
N PRO A 305 6.42 12.26 -38.29
CA PRO A 305 5.97 13.64 -38.45
C PRO A 305 5.02 14.11 -37.34
N HIS A 306 4.65 13.23 -36.39
CA HIS A 306 3.84 13.65 -35.20
C HIS A 306 4.67 13.60 -33.93
N GLY A 307 5.94 13.20 -34.01
CA GLY A 307 6.70 12.76 -32.84
C GLY A 307 7.18 13.90 -31.98
N HIS A 308 7.16 15.10 -32.53
CA HIS A 308 7.60 16.34 -31.84
C HIS A 308 6.42 16.91 -31.04
N ARG A 309 5.18 16.55 -31.37
CA ARG A 309 3.99 17.10 -30.68
C ARG A 309 4.02 16.73 -29.18
N GLU A 310 3.88 17.73 -28.32
CA GLU A 310 3.88 17.55 -26.86
C GLU A 310 2.77 16.57 -26.46
N ASP A 311 1.60 16.65 -27.08
CA ASP A 311 0.44 15.83 -26.67
C ASP A 311 0.75 14.38 -27.05
N VAL A 312 1.24 14.13 -28.28
CA VAL A 312 1.65 12.78 -28.73
C VAL A 312 2.69 12.24 -27.75
N ARG A 313 3.69 13.04 -27.40
CA ARG A 313 4.77 12.56 -26.51
C ARG A 313 4.15 12.23 -25.14
N ALA A 314 3.18 13.03 -24.68
CA ALA A 314 2.55 12.84 -23.36
C ALA A 314 1.75 11.53 -23.42
N TYR A 315 1.01 11.32 -24.48
CA TYR A 315 0.25 10.07 -24.66
C TYR A 315 1.18 8.87 -24.64
N LEU A 316 2.24 8.86 -25.43
CA LEU A 316 3.15 7.68 -25.50
C LEU A 316 3.85 7.47 -24.17
N SER A 317 4.25 8.54 -23.48
CA SER A 317 4.82 8.40 -22.11
C SER A 317 3.75 7.78 -21.19
N GLY A 318 2.50 8.18 -21.35
CA GLY A 318 1.36 7.57 -20.65
C GLY A 318 1.26 6.07 -20.90
N LEU A 319 1.39 5.61 -22.16
CA LEU A 319 1.32 4.17 -22.46
C LEU A 319 2.55 3.47 -21.86
N ASP A 320 3.73 4.08 -21.92
CA ASP A 320 4.93 3.50 -21.25
C ASP A 320 4.59 3.17 -19.80
N HIS A 321 4.07 4.16 -19.05
CA HIS A 321 3.75 4.03 -17.60
C HIS A 321 2.59 3.06 -17.38
N LEU A 322 1.64 2.97 -18.31
CA LEU A 322 0.52 2.00 -18.20
C LEU A 322 1.10 0.59 -18.24
N ILE A 323 2.03 0.38 -19.18
CA ILE A 323 2.57 -0.96 -19.50
C ILE A 323 3.49 -1.36 -18.34
N GLY A 324 4.40 -0.50 -17.95
CA GLY A 324 5.30 -0.81 -16.82
C GLY A 324 4.52 -0.95 -15.51
N GLY A 325 3.63 -0.01 -15.23
CA GLY A 325 2.87 0.02 -13.96
C GLY A 325 1.92 -1.16 -13.80
N SER A 326 1.30 -1.60 -14.89
CA SER A 326 0.34 -2.72 -14.86
C SER A 326 1.07 -3.95 -14.40
N GLN A 327 2.27 -4.16 -14.94
CA GLN A 327 3.09 -5.32 -14.53
C GLN A 327 3.47 -5.22 -13.03
N GLU A 328 3.96 -4.05 -12.60
CA GLU A 328 4.32 -3.84 -11.16
C GLU A 328 3.09 -4.19 -10.30
N PHE A 329 1.93 -3.60 -10.59
CA PHE A 329 0.66 -3.85 -9.88
C PHE A 329 0.37 -5.36 -9.82
N GLU A 330 0.50 -6.07 -10.94
CA GLU A 330 0.16 -7.51 -11.03
C GLU A 330 1.10 -8.38 -10.18
N TYR A 331 2.35 -7.96 -9.96
CA TYR A 331 3.27 -8.63 -9.01
C TYR A 331 2.86 -8.41 -7.55
N LEU A 332 2.27 -7.26 -7.24
CA LEU A 332 2.02 -6.88 -5.83
C LEU A 332 0.66 -7.38 -5.33
N THR A 333 -0.34 -7.57 -6.19
CA THR A 333 -1.74 -7.73 -5.73
C THR A 333 -1.95 -9.10 -5.11
N PRO A 334 -2.52 -9.19 -3.88
CA PRO A 334 -3.04 -10.44 -3.33
C PRO A 334 -4.16 -11.09 -4.17
N ARG A 335 -4.70 -10.35 -5.15
CA ARG A 335 -5.71 -10.92 -6.10
C ARG A 335 -5.03 -12.12 -6.77
N TYR A 336 -3.74 -12.04 -7.02
CA TYR A 336 -2.95 -13.08 -7.73
C TYR A 336 -2.13 -13.94 -6.77
N PHE A 337 -1.59 -13.39 -5.69
CA PHE A 337 -0.58 -14.12 -4.87
C PHE A 337 -1.28 -14.68 -3.63
N GLY A 338 -2.57 -14.43 -3.49
CA GLY A 338 -3.42 -15.04 -2.43
C GLY A 338 -3.71 -14.03 -1.31
N ASP A 339 -4.89 -14.14 -0.74
CA ASP A 339 -5.30 -13.31 0.40
C ASP A 339 -4.27 -13.51 1.53
N GLY A 340 -3.79 -12.42 2.10
CA GLY A 340 -2.79 -12.42 3.18
C GLY A 340 -1.39 -12.22 2.67
N SER A 341 -1.14 -12.42 1.35
CA SER A 341 0.16 -12.13 0.72
C SER A 341 0.53 -10.65 0.91
N VAL A 342 1.81 -10.39 0.96
CA VAL A 342 2.43 -9.04 1.01
C VAL A 342 3.67 -9.09 0.14
N TRP A 343 3.62 -8.34 -0.94
CA TRP A 343 4.70 -8.32 -1.95
C TRP A 343 5.99 -7.89 -1.28
N ASP A 344 7.05 -8.64 -1.52
CA ASP A 344 8.41 -8.28 -1.03
C ASP A 344 9.24 -7.63 -2.15
N GLY A 345 8.66 -7.31 -3.32
CA GLY A 345 9.39 -6.71 -4.46
C GLY A 345 10.01 -7.71 -5.42
N SER A 346 10.00 -9.01 -5.13
CA SER A 346 10.58 -10.05 -6.01
C SER A 346 9.70 -10.19 -7.27
N THR A 347 10.31 -10.47 -8.42
CA THR A 347 9.63 -10.44 -9.73
C THR A 347 9.91 -11.69 -10.56
N SER A 348 10.73 -12.61 -10.05
CA SER A 348 11.14 -13.83 -10.79
C SER A 348 11.45 -14.95 -9.80
N GLY A 349 11.15 -16.17 -10.18
CA GLY A 349 11.48 -17.36 -9.39
C GLY A 349 10.37 -18.38 -9.47
N TRP A 350 10.45 -19.36 -8.59
CA TRP A 350 9.45 -20.45 -8.45
C TRP A 350 8.20 -19.88 -7.78
N ILE A 351 7.05 -20.28 -8.31
CA ILE A 351 5.76 -19.89 -7.72
C ILE A 351 4.90 -21.14 -7.58
N SER A 352 4.31 -21.31 -6.41
CA SER A 352 3.38 -22.42 -6.10
C SER A 352 2.01 -22.16 -6.71
N LEU A 353 1.45 -23.17 -7.35
CA LEU A 353 0.03 -23.14 -7.77
C LEU A 353 -0.89 -23.56 -6.60
N THR A 354 -0.36 -24.29 -5.63
CA THR A 354 -1.21 -24.96 -4.60
C THR A 354 -1.21 -24.20 -3.27
N ALA A 355 -0.13 -23.51 -2.90
CA ALA A 355 -0.09 -22.74 -1.64
C ALA A 355 -1.27 -21.78 -1.55
N SER A 356 -1.74 -21.47 -0.33
CA SER A 356 -2.78 -20.46 -0.08
C SER A 356 -2.19 -19.05 -0.28
N VAL A 357 -0.89 -18.88 -0.07
CA VAL A 357 -0.16 -17.62 -0.42
C VAL A 357 1.10 -17.99 -1.17
N ALA A 358 1.48 -17.17 -2.13
CA ALA A 358 2.63 -17.43 -3.01
C ALA A 358 3.50 -16.17 -3.12
N ARG A 359 4.78 -16.42 -3.37
CA ARG A 359 5.83 -15.41 -3.67
C ARG A 359 6.89 -16.15 -4.48
N PHE A 360 7.73 -15.43 -5.21
CA PHE A 360 8.83 -16.00 -6.03
C PHE A 360 9.93 -16.49 -5.09
N ARG A 361 10.34 -17.76 -5.22
CA ARG A 361 11.45 -18.36 -4.45
C ARG A 361 12.58 -18.72 -5.43
N ASP A 362 13.82 -18.89 -4.97
CA ASP A 362 14.92 -19.21 -5.94
C ASP A 362 15.12 -20.74 -6.07
N ALA A 363 14.36 -21.56 -5.36
CA ALA A 363 14.37 -23.02 -5.57
C ALA A 363 12.95 -23.57 -5.72
N PRO A 364 12.77 -24.70 -6.44
CA PRO A 364 11.46 -25.35 -6.54
C PRO A 364 11.20 -26.10 -5.23
N ALA A 365 9.95 -26.50 -4.99
CA ALA A 365 9.57 -27.38 -3.84
C ALA A 365 10.21 -28.74 -4.11
N PRO A 366 10.89 -29.36 -3.12
CA PRO A 366 11.44 -30.71 -3.26
C PRO A 366 10.44 -31.76 -2.79
N GLY B 22 -19.60 -5.36 29.95
CA GLY B 22 -18.53 -4.54 29.29
C GLY B 22 -19.16 -3.56 28.29
N PRO B 23 -18.42 -2.53 27.81
CA PRO B 23 -18.95 -1.58 26.83
C PRO B 23 -19.14 -2.17 25.43
N GLY B 24 -18.10 -2.84 24.89
CA GLY B 24 -18.12 -3.52 23.58
C GLY B 24 -17.95 -2.57 22.40
N GLU B 25 -18.19 -1.27 22.59
CA GLU B 25 -18.23 -0.24 21.50
C GLU B 25 -18.02 1.14 22.14
N PHE B 26 -17.14 1.99 21.61
CA PHE B 26 -16.96 3.39 22.06
C PHE B 26 -16.92 4.30 20.84
N PHE B 27 -17.02 5.61 21.08
CA PHE B 27 -17.05 6.64 20.02
C PHE B 27 -15.75 7.43 20.11
N LEU B 28 -15.00 7.51 19.03
CA LEU B 28 -13.79 8.36 18.97
C LEU B 28 -14.19 9.59 18.20
N PRO B 29 -14.20 10.77 18.83
CA PRO B 29 -14.59 12.00 18.16
C PRO B 29 -13.48 12.45 17.22
N PRO B 30 -13.75 13.41 16.32
CA PRO B 30 -12.71 14.04 15.52
C PRO B 30 -11.71 14.70 16.48
N LEU B 31 -10.42 14.46 16.22
CA LEU B 31 -9.29 15.00 16.99
C LEU B 31 -8.84 16.23 16.22
N PRO B 32 -8.06 17.13 16.83
CA PRO B 32 -7.78 18.44 16.22
C PRO B 32 -7.07 18.38 14.85
N ARG B 33 -6.09 17.49 14.73
CA ARG B 33 -5.32 17.29 13.47
C ARG B 33 -4.89 18.65 12.89
N LEU B 34 -4.26 19.46 13.73
CA LEU B 34 -3.74 20.80 13.35
C LEU B 34 -2.45 20.68 12.53
N LEU B 35 -1.69 19.60 12.69
CA LEU B 35 -0.30 19.54 12.18
C LEU B 35 -0.27 18.82 10.83
N PRO B 36 0.69 19.18 9.95
CA PRO B 36 0.79 18.51 8.66
C PRO B 36 0.92 16.99 8.82
N ALA B 37 0.13 16.24 8.06
CA ALA B 37 0.23 14.77 7.89
C ALA B 37 0.46 14.51 6.41
N GLY B 38 1.71 14.41 5.99
CA GLY B 38 2.03 14.21 4.59
C GLY B 38 2.62 12.84 4.38
N TYR B 39 2.42 12.30 3.18
CA TYR B 39 3.06 11.05 2.70
C TYR B 39 4.28 11.45 1.88
N HIS B 40 5.45 10.90 2.19
CA HIS B 40 6.61 10.90 1.28
C HIS B 40 6.13 10.57 -0.14
N PRO B 41 6.63 11.30 -1.17
CA PRO B 41 6.26 11.00 -2.55
C PRO B 41 6.53 9.54 -2.95
N ASP B 42 7.45 8.84 -2.29
CA ASP B 42 7.77 7.42 -2.56
C ASP B 42 7.22 6.47 -1.49
N ALA B 43 6.19 6.86 -0.74
CA ALA B 43 5.69 6.12 0.44
C ALA B 43 5.32 4.68 0.05
N ALA B 44 4.51 4.50 -1.00
CA ALA B 44 4.01 3.15 -1.35
C ALA B 44 5.20 2.25 -1.69
N ARG B 45 6.14 2.77 -2.49
CA ARG B 45 7.35 2.03 -2.92
C ARG B 45 8.24 1.78 -1.72
N ILE B 46 8.38 2.75 -0.83
CA ILE B 46 9.24 2.57 0.38
C ILE B 46 8.64 1.46 1.27
N GLU B 47 7.32 1.40 1.42
CA GLU B 47 6.68 0.34 2.24
C GLU B 47 7.06 -1.04 1.67
N ILE B 48 6.91 -1.21 0.34
CA ILE B 48 7.26 -2.49 -0.35
C ILE B 48 8.75 -2.77 -0.18
N ALA B 49 9.63 -1.80 -0.40
CA ALA B 49 11.08 -2.09 -0.31
C ALA B 49 11.41 -2.39 1.15
N SER B 50 10.74 -1.72 2.11
CA SER B 50 10.93 -2.02 3.55
C SER B 50 10.52 -3.47 3.84
N ASN B 51 9.39 -3.89 3.27
CA ASN B 51 8.84 -5.28 3.44
C ASN B 51 9.87 -6.28 2.91
N GLY B 52 10.47 -5.96 1.77
CA GLY B 52 11.56 -6.74 1.15
C GLY B 52 12.74 -6.86 2.10
N TRP B 53 13.12 -5.76 2.72
CA TRP B 53 14.24 -5.73 3.69
C TRP B 53 13.88 -6.57 4.93
N VAL B 54 12.63 -6.48 5.40
CA VAL B 54 12.22 -7.28 6.59
C VAL B 54 12.39 -8.76 6.21
N ARG B 55 11.94 -9.16 5.03
CA ARG B 55 12.09 -10.59 4.65
C ARG B 55 13.58 -10.94 4.65
N ARG B 56 14.40 -10.15 3.97
CA ARG B 56 15.84 -10.44 3.78
C ARG B 56 16.58 -10.46 5.11
N MET B 57 16.23 -9.60 6.06
CA MET B 57 17.10 -9.34 7.24
C MET B 57 16.52 -9.97 8.51
N LEU B 58 15.21 -10.10 8.60
CA LEU B 58 14.53 -10.42 9.88
C LEU B 58 13.62 -11.64 9.77
N ALA B 59 13.63 -12.40 8.67
CA ALA B 59 12.77 -13.59 8.48
C ALA B 59 12.91 -14.55 9.67
N ASP B 60 14.12 -14.68 10.21
CA ASP B 60 14.43 -15.68 11.26
C ASP B 60 13.80 -15.27 12.59
N CYS B 61 13.32 -14.04 12.76
CA CYS B 61 12.65 -13.61 14.01
C CYS B 61 11.22 -14.17 14.02
N PHE B 62 10.73 -14.73 12.91
CA PHE B 62 9.33 -15.19 12.83
C PHE B 62 9.35 -16.71 12.82
N ASP B 63 8.33 -17.33 13.42
CA ASP B 63 8.28 -18.81 13.55
C ASP B 63 7.71 -19.46 12.29
N SER B 64 7.22 -18.67 11.32
CA SER B 64 6.75 -19.14 9.99
C SER B 64 6.52 -17.97 9.02
N GLU B 65 6.34 -18.31 7.75
CA GLU B 65 5.82 -17.39 6.72
C GLU B 65 4.54 -16.71 7.23
N GLU B 66 3.66 -17.42 7.95
CA GLU B 66 2.33 -16.90 8.40
C GLU B 66 2.59 -15.68 9.29
N SER B 67 3.52 -15.82 10.24
CA SER B 67 3.84 -14.84 11.29
C SER B 67 4.50 -13.63 10.64
N LEU B 68 5.43 -13.86 9.72
CA LEU B 68 6.08 -12.78 8.93
C LEU B 68 5.00 -11.99 8.18
N LEU B 69 4.11 -12.66 7.45
CA LEU B 69 3.08 -11.96 6.64
C LEU B 69 2.10 -11.23 7.55
N PHE B 70 1.75 -11.82 8.70
CA PHE B 70 0.89 -11.15 9.71
C PHE B 70 1.52 -9.79 10.05
N PHE B 71 2.82 -9.82 10.36
CA PHE B 71 3.60 -8.59 10.62
C PHE B 71 3.59 -7.66 9.41
N LEU B 72 3.92 -8.16 8.20
CA LEU B 72 3.98 -7.29 6.99
C LEU B 72 2.59 -6.68 6.72
N ARG B 73 1.50 -7.36 7.10
CA ARG B 73 0.13 -6.86 6.83
C ARG B 73 -0.16 -5.63 7.70
N GLN B 74 0.63 -5.38 8.76
CA GLN B 74 0.41 -4.21 9.63
C GLN B 74 0.84 -2.95 8.90
N ARG B 75 1.58 -3.06 7.80
CA ARG B 75 1.95 -1.88 6.98
C ARG B 75 2.87 -0.95 7.81
N ASN B 76 3.67 -1.50 8.70
CA ASN B 76 4.61 -0.72 9.54
C ASN B 76 5.61 -0.05 8.62
N GLY B 77 5.82 -0.64 7.44
CA GLY B 77 6.74 -0.08 6.43
C GLY B 77 6.35 1.30 5.94
N ILE B 78 5.09 1.73 6.11
CA ILE B 78 4.65 3.08 5.63
C ILE B 78 4.71 4.13 6.78
N TYR B 79 5.07 3.75 8.00
CA TYR B 79 5.25 4.69 9.14
C TYR B 79 6.35 5.72 8.80
N GLY B 80 7.51 5.24 8.36
CA GLY B 80 8.66 6.11 8.04
C GLY B 80 8.27 7.21 7.08
N PRO B 81 7.77 6.83 5.88
CA PRO B 81 7.37 7.81 4.89
C PRO B 81 6.27 8.77 5.33
N LEU B 82 5.42 8.34 6.27
CA LEU B 82 4.39 9.22 6.85
C LEU B 82 5.02 10.16 7.89
N THR B 83 6.13 9.81 8.52
CA THR B 83 6.72 10.69 9.57
C THR B 83 7.74 11.67 8.97
N VAL B 84 8.36 11.32 7.83
CA VAL B 84 9.47 12.12 7.24
C VAL B 84 9.17 12.31 5.77
N PRO B 85 7.99 12.88 5.41
CA PRO B 85 7.60 12.99 4.01
C PRO B 85 8.47 13.96 3.20
N TYR B 86 9.20 14.83 3.92
CA TYR B 86 10.11 15.89 3.40
C TYR B 86 11.51 15.31 3.11
N ALA B 87 11.84 14.11 3.60
CA ALA B 87 13.23 13.61 3.60
C ALA B 87 13.62 13.09 2.23
N GLU B 88 14.92 13.03 1.99
CA GLU B 88 15.51 12.34 0.81
C GLU B 88 15.04 10.90 0.85
N ALA B 89 14.76 10.30 -0.30
CA ALA B 89 14.14 8.96 -0.38
C ALA B 89 15.01 7.97 0.41
N ASP B 90 16.34 8.06 0.28
CA ASP B 90 17.27 7.12 0.93
C ASP B 90 17.03 7.16 2.44
N ARG B 91 16.96 8.36 3.01
CA ARG B 91 16.84 8.54 4.48
C ARG B 91 15.46 8.07 4.92
N ALA B 92 14.45 8.33 4.09
CA ALA B 92 13.06 7.89 4.32
C ALA B 92 13.02 6.36 4.33
N GLN B 93 13.75 5.72 3.41
CA GLN B 93 13.83 4.25 3.40
C GLN B 93 14.52 3.77 4.68
N ASN B 94 15.63 4.41 5.07
CA ASN B 94 16.41 4.04 6.27
C ASN B 94 15.51 4.10 7.52
N ILE B 95 14.67 5.11 7.63
CA ILE B 95 13.81 5.34 8.83
C ILE B 95 12.67 4.30 8.78
N ALA B 96 12.12 4.03 7.59
CA ALA B 96 11.03 3.05 7.41
C ALA B 96 11.56 1.69 7.86
N ASP B 97 12.79 1.33 7.48
CA ASP B 97 13.38 0.04 7.83
C ASP B 97 13.70 0.04 9.32
N TRP B 98 14.17 1.16 9.85
CA TRP B 98 14.47 1.27 11.31
C TRP B 98 13.20 0.96 12.10
N TYR B 99 12.08 1.59 11.78
CA TYR B 99 10.83 1.46 12.57
C TYR B 99 10.29 0.04 12.47
N GLN B 100 10.36 -0.58 11.28
CA GLN B 100 9.97 -2.00 11.15
C GLN B 100 10.87 -2.81 12.08
N PHE B 101 12.18 -2.56 12.03
CA PHE B 101 13.18 -3.30 12.83
C PHE B 101 12.83 -3.18 14.32
N VAL B 102 12.61 -1.96 14.85
CA VAL B 102 12.32 -1.84 16.32
C VAL B 102 10.98 -2.50 16.65
N THR B 103 10.00 -2.49 15.72
CA THR B 103 8.66 -3.11 15.95
C THR B 103 8.81 -4.64 15.96
N VAL B 104 9.59 -5.20 15.04
CA VAL B 104 9.85 -6.66 15.06
C VAL B 104 10.47 -7.04 16.42
N ILE B 105 11.54 -6.34 16.82
CA ILE B 105 12.32 -6.73 18.03
C ILE B 105 11.38 -6.57 19.22
N ASP B 106 10.63 -5.47 19.26
CA ASP B 106 9.67 -5.16 20.37
C ASP B 106 8.63 -6.26 20.54
N SER B 107 8.05 -6.73 19.43
CA SER B 107 6.79 -7.50 19.38
C SER B 107 7.09 -8.99 19.26
N PHE B 108 8.11 -9.39 18.50
CA PHE B 108 8.27 -10.77 17.97
C PHE B 108 9.50 -11.51 18.54
N VAL B 109 10.46 -10.80 19.13
CA VAL B 109 11.69 -11.39 19.74
C VAL B 109 11.38 -11.56 21.23
N SER B 110 10.76 -12.70 21.57
CA SER B 110 9.90 -12.93 22.77
C SER B 110 10.63 -13.76 23.85
N ASP B 111 11.88 -14.17 23.57
CA ASP B 111 12.71 -15.07 24.41
C ASP B 111 14.00 -14.35 24.79
N GLU B 112 14.57 -14.66 25.96
CA GLU B 112 15.93 -14.15 26.34
C GLU B 112 16.98 -14.75 25.39
N ALA B 113 16.75 -15.99 24.89
CA ALA B 113 17.57 -16.69 23.85
C ALA B 113 17.54 -15.91 22.51
N ALA B 114 16.35 -15.56 22.03
CA ALA B 114 16.12 -14.80 20.78
C ALA B 114 16.77 -13.40 20.86
N LEU B 115 16.63 -12.69 22.00
CA LEU B 115 17.10 -11.29 22.17
C LEU B 115 18.62 -11.24 22.42
N GLY B 116 19.18 -12.29 23.04
CA GLY B 116 20.63 -12.40 23.32
C GLY B 116 20.97 -12.14 24.77
N ALA B 117 20.01 -11.72 25.59
CA ALA B 117 20.19 -11.49 27.04
C ALA B 117 18.85 -11.57 27.78
N ASP B 118 18.92 -11.97 29.06
CA ASP B 118 17.88 -11.74 30.10
C ASP B 118 18.07 -10.31 30.67
N HIS B 119 17.22 -9.91 31.63
CA HIS B 119 17.23 -8.59 32.31
C HIS B 119 18.53 -8.38 33.11
N ALA B 120 19.03 -9.43 33.79
CA ALA B 120 20.33 -9.47 34.52
C ALA B 120 21.48 -9.11 33.57
N ALA B 121 21.65 -9.86 32.47
CA ALA B 121 22.83 -9.76 31.58
C ALA B 121 22.76 -8.58 30.59
N ALA B 122 21.59 -7.92 30.49
CA ALA B 122 21.20 -7.00 29.37
C ALA B 122 22.21 -5.86 29.21
N ALA B 123 22.57 -5.18 30.31
CA ALA B 123 23.38 -3.94 30.31
C ALA B 123 24.71 -4.16 29.57
N GLU B 124 25.59 -5.00 30.11
CA GLU B 124 26.95 -5.21 29.53
C GLU B 124 26.81 -5.95 28.19
N THR B 125 25.87 -6.89 28.05
CA THR B 125 25.62 -7.59 26.74
C THR B 125 25.29 -6.54 25.66
N PHE B 126 24.28 -5.69 25.87
CA PHE B 126 23.81 -4.78 24.79
C PHE B 126 24.81 -3.63 24.60
N ALA B 127 25.56 -3.24 25.64
CA ALA B 127 26.73 -2.34 25.49
C ALA B 127 27.73 -2.90 24.46
N ALA B 128 28.02 -4.20 24.50
CA ALA B 128 29.03 -4.85 23.62
C ALA B 128 28.46 -5.07 22.22
N VAL B 129 27.21 -5.53 22.13
CA VAL B 129 26.47 -5.65 20.84
C VAL B 129 26.59 -4.32 20.10
N VAL B 130 26.18 -3.22 20.75
CA VAL B 130 26.13 -1.88 20.11
C VAL B 130 27.57 -1.38 19.88
N ALA B 131 28.50 -1.67 20.81
CA ALA B 131 29.93 -1.31 20.60
C ALA B 131 30.40 -1.95 19.30
N ASP B 132 30.08 -3.24 19.12
CA ASP B 132 30.42 -3.98 17.87
C ASP B 132 29.72 -3.32 16.67
N LEU B 133 28.43 -2.97 16.80
CA LEU B 133 27.68 -2.34 15.66
C LEU B 133 28.37 -1.02 15.31
N ARG B 134 28.77 -0.24 16.31
CA ARG B 134 29.42 1.06 16.02
C ARG B 134 30.69 0.81 15.20
N GLU B 135 31.38 -0.31 15.42
CA GLU B 135 32.62 -0.70 14.70
C GLU B 135 32.30 -1.24 13.30
N GLY B 136 31.04 -1.49 12.96
CA GLY B 136 30.65 -1.97 11.62
C GLY B 136 30.42 -3.47 11.59
N GLY B 137 30.53 -4.14 12.74
CA GLY B 137 30.19 -5.57 12.88
C GLY B 137 28.68 -5.80 13.02
N ALA B 138 28.30 -7.05 13.29
CA ALA B 138 26.90 -7.53 13.32
C ALA B 138 26.46 -7.75 14.77
N GLY B 139 27.19 -7.24 15.76
CA GLY B 139 26.76 -7.20 17.18
C GLY B 139 27.00 -8.52 17.90
N GLY B 140 27.58 -9.50 17.22
CA GLY B 140 28.11 -10.72 17.87
C GLY B 140 26.99 -11.72 18.17
N PRO B 141 27.35 -12.81 18.91
CA PRO B 141 26.44 -13.93 19.13
C PRO B 141 25.09 -13.56 19.78
N ALA B 142 25.11 -12.62 20.74
CA ALA B 142 23.90 -12.08 21.41
C ALA B 142 22.89 -11.60 20.37
N ALA B 143 23.38 -10.94 19.30
CA ALA B 143 22.56 -10.27 18.27
C ALA B 143 22.33 -11.19 17.06
N SER B 144 22.40 -12.51 17.23
CA SER B 144 22.41 -13.48 16.10
C SER B 144 21.18 -13.29 15.21
N LEU B 145 19.93 -13.21 15.71
CA LEU B 145 18.83 -13.20 14.71
C LEU B 145 18.51 -11.79 14.22
N TYR B 146 19.17 -10.73 14.71
CA TYR B 146 18.79 -9.36 14.27
C TYR B 146 20.00 -8.46 14.03
N GLY B 147 21.22 -9.00 14.17
CA GLY B 147 22.47 -8.22 14.05
C GLY B 147 22.79 -7.88 12.62
N ARG B 148 22.48 -8.75 11.67
CA ARG B 148 22.67 -8.44 10.23
C ARG B 148 21.80 -7.23 9.89
N ALA B 149 20.56 -7.25 10.38
CA ALA B 149 19.58 -6.14 10.29
C ALA B 149 20.16 -4.86 10.91
N ALA B 150 20.60 -4.91 12.17
CA ALA B 150 21.18 -3.74 12.89
C ALA B 150 22.41 -3.19 12.15
N GLN B 151 23.27 -4.07 11.64
CA GLN B 151 24.49 -3.69 10.90
C GLN B 151 24.10 -2.91 9.63
N ASP B 152 23.14 -3.44 8.87
CA ASP B 152 22.68 -2.83 7.61
C ASP B 152 22.12 -1.43 7.90
N LEU B 153 21.33 -1.26 8.95
CA LEU B 153 20.76 0.06 9.34
C LEU B 153 21.88 1.01 9.80
N TRP B 154 22.82 0.51 10.58
CA TRP B 154 23.94 1.32 11.10
C TRP B 154 24.77 1.83 9.92
N ARG B 155 25.08 0.95 8.97
CA ARG B 155 25.86 1.31 7.76
C ARG B 155 25.19 2.51 7.10
N ARG B 156 23.87 2.43 6.88
CA ARG B 156 23.11 3.40 6.06
C ARG B 156 22.99 4.70 6.84
N ILE B 157 22.59 4.61 8.11
CA ILE B 157 22.17 5.81 8.88
C ILE B 157 23.41 6.55 9.42
N ALA B 158 24.38 5.83 10.02
CA ALA B 158 25.55 6.47 10.67
C ALA B 158 26.27 7.36 9.66
N ALA B 159 26.31 6.95 8.39
CA ALA B 159 26.98 7.69 7.30
C ALA B 159 26.49 9.14 7.22
N GLY B 160 25.23 9.42 7.56
CA GLY B 160 24.65 10.76 7.36
C GLY B 160 24.41 11.49 8.67
N MET B 161 25.05 10.98 9.73
CA MET B 161 25.01 11.53 11.11
C MET B 161 26.36 12.15 11.49
N SER B 162 26.36 13.28 12.19
CA SER B 162 27.55 13.76 12.96
C SER B 162 28.01 12.66 13.93
N ALA B 163 29.24 12.75 14.45
CA ALA B 163 29.78 11.79 15.45
C ALA B 163 29.00 11.89 16.77
N ARG B 164 28.58 13.10 17.14
CA ARG B 164 27.71 13.29 18.34
C ARG B 164 26.40 12.51 18.13
N GLN B 165 25.84 12.56 16.93
CA GLN B 165 24.55 11.87 16.65
C GLN B 165 24.75 10.36 16.79
N VAL B 166 25.87 9.83 16.28
CA VAL B 166 26.20 8.39 16.42
C VAL B 166 26.35 8.07 17.92
N ASP B 167 27.01 8.90 18.73
CA ASP B 167 27.03 8.65 20.20
C ASP B 167 25.59 8.45 20.66
N ARG B 168 24.66 9.31 20.21
CA ARG B 168 23.28 9.32 20.72
C ARG B 168 22.56 8.06 20.19
N LEU B 169 22.82 7.68 18.93
CA LEU B 169 22.22 6.43 18.37
C LEU B 169 22.68 5.26 19.22
N VAL B 170 23.98 5.20 19.60
CA VAL B 170 24.53 4.08 20.43
C VAL B 170 23.68 3.97 21.70
N ALA B 171 23.47 5.08 22.42
CA ALA B 171 22.77 5.12 23.73
C ALA B 171 21.30 4.74 23.51
N ALA B 172 20.71 5.24 22.42
CA ALA B 172 19.30 4.98 22.08
C ALA B 172 19.12 3.48 21.81
N LEU B 173 19.95 2.87 20.97
CA LEU B 173 19.78 1.43 20.63
C LEU B 173 20.05 0.58 21.88
N GLU B 174 21.09 0.87 22.66
CA GLU B 174 21.30 0.14 23.95
C GLU B 174 20.05 0.19 24.82
N ALA B 175 19.50 1.38 25.11
CA ALA B 175 18.32 1.52 26.01
C ALA B 175 17.17 0.68 25.45
N PHE B 176 16.96 0.77 24.14
CA PHE B 176 15.89 0.00 23.44
C PHE B 176 16.07 -1.48 23.77
N LEU B 177 17.25 -2.07 23.51
CA LEU B 177 17.44 -3.53 23.73
C LEU B 177 17.31 -3.85 25.24
N ARG B 178 17.84 -3.02 26.13
CA ARG B 178 17.63 -3.17 27.60
C ARG B 178 16.13 -3.16 27.91
N GLY B 179 15.40 -2.12 27.46
CA GLY B 179 13.93 -2.04 27.56
C GLY B 179 13.27 -3.35 27.13
N CYS B 180 13.68 -3.93 26.00
CA CYS B 180 13.16 -5.23 25.48
C CYS B 180 13.43 -6.37 26.49
N ALA B 181 14.64 -6.46 27.06
CA ALA B 181 15.04 -7.56 27.97
C ALA B 181 14.21 -7.52 29.27
N GLU B 182 13.90 -6.32 29.76
CA GLU B 182 13.15 -6.09 31.03
C GLU B 182 11.66 -6.44 30.82
N GLU B 183 11.10 -6.16 29.65
CA GLU B 183 9.67 -6.41 29.32
C GLU B 183 9.37 -7.92 29.45
N ILE B 184 10.33 -8.80 29.12
CA ILE B 184 10.08 -10.27 28.99
C ILE B 184 9.42 -10.80 30.27
N VAL B 192 -0.53 1.32 37.96
CA VAL B 192 0.26 2.49 38.43
C VAL B 192 -0.53 3.24 39.50
N PRO B 193 0.12 4.04 40.38
CA PRO B 193 -0.59 4.82 41.41
C PRO B 193 -1.55 5.87 40.84
N HIS B 194 -1.21 6.39 39.65
CA HIS B 194 -1.93 7.51 39.02
C HIS B 194 -1.53 7.69 37.54
N PHE B 195 -2.24 8.63 36.92
CA PHE B 195 -2.18 9.02 35.49
C PHE B 195 -0.78 9.51 35.10
N GLU B 196 -0.22 10.42 35.90
CA GLU B 196 1.10 11.05 35.64
C GLU B 196 2.21 10.01 35.67
N ALA B 197 2.18 9.05 36.58
CA ALA B 197 3.24 8.00 36.63
C ALA B 197 3.08 7.09 35.41
N CYS B 198 1.86 6.92 34.91
CA CYS B 198 1.60 6.23 33.62
C CYS B 198 2.22 7.05 32.49
N MET B 199 1.93 8.34 32.44
CA MET B 199 2.51 9.23 31.40
C MET B 199 4.05 9.13 31.47
N ARG B 200 4.64 9.19 32.68
CA ARG B 200 6.13 9.16 32.83
C ARG B 200 6.66 7.88 32.19
N VAL B 201 6.03 6.73 32.43
CA VAL B 201 6.54 5.40 31.98
C VAL B 201 6.31 5.23 30.47
N ARG B 202 5.15 5.66 29.98
CA ARG B 202 4.85 5.71 28.52
C ARG B 202 5.91 6.57 27.81
N VAL B 203 6.30 7.71 28.38
CA VAL B 203 7.30 8.62 27.74
C VAL B 203 8.66 7.93 27.72
N ASP B 204 9.05 7.27 28.81
CA ASP B 204 10.39 6.64 28.95
C ASP B 204 10.51 5.48 27.95
N SER B 205 9.38 4.85 27.59
CA SER B 205 9.33 3.60 26.81
C SER B 205 8.92 3.84 25.36
N PHE B 206 8.42 5.03 24.98
CA PHE B 206 7.86 5.28 23.62
C PHE B 206 8.97 5.35 22.55
N GLY B 207 10.22 5.50 22.98
CA GLY B 207 11.40 5.68 22.11
C GLY B 207 11.58 7.12 21.61
N CYS B 208 11.30 8.11 22.45
CA CYS B 208 11.29 9.56 22.10
C CYS B 208 12.68 9.99 21.62
N GLU B 209 13.75 9.53 22.27
CA GLU B 209 15.16 9.92 21.94
C GLU B 209 15.49 9.42 20.52
N PHE B 210 15.00 8.23 20.14
CA PHE B 210 15.11 7.70 18.75
C PHE B 210 14.37 8.61 17.79
N LEU B 211 13.10 8.89 18.09
CA LEU B 211 12.21 9.71 17.24
C LEU B 211 12.86 11.07 16.99
N GLU B 212 13.40 11.66 18.06
CA GLU B 212 14.03 13.02 18.04
C GLU B 212 15.29 12.95 17.17
N LEU B 213 16.16 11.99 17.43
CA LEU B 213 17.43 11.79 16.67
C LEU B 213 17.10 11.52 15.20
N LEU B 214 16.12 10.67 14.93
CA LEU B 214 15.81 10.34 13.52
C LEU B 214 15.14 11.53 12.85
N THR B 215 14.40 12.34 13.59
CA THR B 215 13.84 13.59 13.00
C THR B 215 15.01 14.48 12.55
N GLU B 216 16.06 14.61 13.37
CA GLU B 216 17.25 15.44 13.04
C GLU B 216 17.88 14.88 11.77
N TYR B 217 18.05 13.56 11.72
CA TYR B 217 18.65 12.81 10.60
C TYR B 217 17.89 13.12 9.29
N ALA B 218 16.57 12.91 9.28
CA ALA B 218 15.69 13.17 8.13
C ALA B 218 15.81 14.62 7.67
N ALA B 219 15.84 15.55 8.60
CA ALA B 219 15.89 16.99 8.30
C ALA B 219 17.34 17.42 7.97
N GLU B 220 18.33 16.52 8.07
CA GLU B 220 19.78 16.79 7.82
C GLU B 220 20.27 17.92 8.72
N VAL B 221 19.98 17.84 10.02
CA VAL B 221 20.38 18.87 11.03
C VAL B 221 20.95 18.11 12.21
N ASP B 222 21.66 18.82 13.07
CA ASP B 222 22.24 18.25 14.30
C ASP B 222 21.84 19.21 15.42
N MET B 223 20.86 18.79 16.20
CA MET B 223 20.29 19.59 17.29
C MET B 223 20.95 19.13 18.58
N SER B 224 22.07 18.40 18.51
CA SER B 224 22.77 17.79 19.68
C SER B 224 22.98 18.88 20.74
N ARG B 225 23.54 20.01 20.32
CA ARG B 225 23.89 21.13 21.23
C ARG B 225 22.61 21.78 21.75
N ALA B 226 21.73 22.26 20.87
CA ALA B 226 20.52 23.03 21.26
C ALA B 226 19.70 22.23 22.27
N ALA B 227 19.71 20.89 22.13
CA ALA B 227 18.91 19.92 22.92
C ALA B 227 19.52 19.74 24.32
N THR B 228 20.86 19.68 24.44
CA THR B 228 21.54 19.61 25.76
C THR B 228 21.29 20.93 26.52
N GLU B 229 21.24 22.07 25.82
CA GLU B 229 20.92 23.39 26.41
C GLU B 229 19.42 23.54 26.77
N GLY B 230 18.57 22.60 26.38
CA GLY B 230 17.15 22.60 26.78
C GLY B 230 16.26 23.49 25.90
N LEU B 231 16.70 23.90 24.73
CA LEU B 231 15.86 24.73 23.82
C LEU B 231 14.51 24.04 23.54
N PHE B 232 14.47 22.70 23.51
CA PHE B 232 13.31 21.92 23.02
C PHE B 232 12.58 21.22 24.14
N ASP B 233 12.87 21.56 25.40
CA ASP B 233 12.32 20.80 26.56
C ASP B 233 10.79 20.86 26.53
N GLU B 234 10.24 22.05 26.30
CA GLU B 234 8.77 22.27 26.29
C GLU B 234 8.18 21.67 25.03
N VAL B 235 8.80 21.85 23.85
CA VAL B 235 8.15 21.36 22.60
C VAL B 235 8.16 19.83 22.68
N HIS B 236 9.22 19.22 23.21
CA HIS B 236 9.34 17.75 23.37
C HIS B 236 8.33 17.25 24.42
N HIS B 237 8.13 17.98 25.50
CA HIS B 237 7.22 17.54 26.58
C HIS B 237 5.82 17.39 25.97
N HIS B 238 5.32 18.42 25.32
CA HIS B 238 3.98 18.41 24.68
C HIS B 238 3.95 17.51 23.43
N GLY B 239 4.94 17.64 22.55
CA GLY B 239 5.01 16.83 21.31
C GLY B 239 4.90 15.33 21.60
N MET B 240 5.74 14.83 22.48
CA MET B 240 5.82 13.37 22.76
C MET B 240 4.57 12.95 23.51
N ARG B 241 4.01 13.80 24.37
CA ARG B 241 2.82 13.44 25.16
C ARG B 241 1.65 13.35 24.19
N GLN B 242 1.57 14.24 23.20
CA GLN B 242 0.51 14.15 22.16
C GLN B 242 0.66 12.82 21.42
N LEU B 243 1.87 12.48 21.00
CA LEU B 243 2.12 11.25 20.21
C LEU B 243 1.61 10.05 21.00
N ILE B 244 1.96 10.00 22.28
CA ILE B 244 1.64 8.86 23.20
C ILE B 244 0.13 8.74 23.42
N LEU B 245 -0.55 9.86 23.59
CA LEU B 245 -2.00 9.86 23.88
C LEU B 245 -2.76 9.44 22.63
N VAL B 246 -2.42 9.98 21.46
CA VAL B 246 -3.05 9.54 20.19
C VAL B 246 -2.84 8.04 20.07
N ASN B 247 -1.61 7.58 20.34
CA ASN B 247 -1.23 6.16 20.25
C ASN B 247 -2.04 5.32 21.26
N ASP B 248 -2.15 5.76 22.50
CA ASP B 248 -2.97 5.04 23.51
C ASP B 248 -4.42 4.93 23.03
N LEU B 249 -4.95 5.98 22.42
CA LEU B 249 -6.37 5.99 21.99
C LEU B 249 -6.55 4.97 20.85
N LEU B 250 -5.69 5.01 19.84
CA LEU B 250 -5.87 4.17 18.63
C LEU B 250 -5.38 2.75 18.88
N SER B 251 -4.49 2.55 19.85
CA SER B 251 -4.02 1.19 20.23
C SER B 251 -4.90 0.58 21.34
N TRP B 252 -5.94 1.24 21.86
CA TRP B 252 -6.73 0.72 23.00
C TRP B 252 -7.32 -0.67 22.69
N ARG B 253 -7.94 -0.89 21.52
CA ARG B 253 -8.39 -2.26 21.11
C ARG B 253 -7.27 -3.29 21.30
N LYS B 254 -6.07 -3.02 20.78
CA LYS B 254 -4.94 -3.98 20.83
C LYS B 254 -4.53 -4.23 22.29
N GLU B 255 -4.52 -3.17 23.11
CA GLU B 255 -3.97 -3.21 24.48
C GLU B 255 -5.01 -3.80 25.44
N TYR B 256 -6.30 -3.48 25.23
CA TYR B 256 -7.45 -4.05 25.98
C TYR B 256 -7.32 -5.58 26.02
N ALA B 257 -6.92 -6.18 24.89
CA ALA B 257 -6.74 -7.64 24.68
C ALA B 257 -5.37 -8.14 25.18
N GLN B 258 -4.60 -7.35 25.95
CA GLN B 258 -3.21 -7.69 26.41
C GLN B 258 -2.81 -6.83 27.62
N MET B 262 0.37 -1.15 29.62
CA MET B 262 0.52 0.09 30.42
C MET B 262 0.08 1.31 29.61
N THR B 263 -1.13 1.84 29.86
CA THR B 263 -1.80 2.77 28.92
C THR B 263 -2.75 3.69 29.69
N THR B 264 -2.82 4.94 29.24
CA THR B 264 -3.66 6.00 29.85
C THR B 264 -5.13 5.55 29.87
N VAL B 265 -5.61 4.81 28.87
CA VAL B 265 -7.04 4.40 28.85
C VAL B 265 -7.30 3.49 30.05
N ARG B 266 -6.41 2.54 30.29
CA ARG B 266 -6.55 1.58 31.42
C ARG B 266 -6.46 2.33 32.76
N VAL B 267 -5.53 3.27 32.90
CA VAL B 267 -5.40 4.07 34.15
C VAL B 267 -6.72 4.79 34.43
N LEU B 268 -7.29 5.51 33.45
CA LEU B 268 -8.54 6.26 33.69
C LEU B 268 -9.66 5.29 34.10
N CYS B 269 -9.77 4.16 33.43
CA CYS B 269 -10.93 3.25 33.62
C CYS B 269 -10.79 2.56 34.98
N GLU B 270 -9.60 2.05 35.26
CA GLU B 270 -9.37 1.14 36.40
C GLU B 270 -8.97 1.95 37.64
N VAL B 271 -7.94 2.79 37.57
CA VAL B 271 -7.50 3.60 38.75
C VAL B 271 -8.55 4.70 39.05
N GLU B 272 -9.02 5.47 38.07
CA GLU B 272 -9.99 6.55 38.34
C GLU B 272 -11.45 6.06 38.21
N GLY B 273 -11.70 4.82 37.77
CA GLY B 273 -13.07 4.27 37.74
C GLY B 273 -13.95 4.99 36.71
N LEU B 274 -13.38 5.60 35.67
CA LEU B 274 -14.21 6.25 34.62
C LEU B 274 -14.84 5.17 33.72
N GLU B 275 -16.07 5.40 33.27
CA GLU B 275 -16.67 4.69 32.10
C GLU B 275 -15.74 4.95 30.89
N LEU B 276 -15.60 3.95 30.01
CA LEU B 276 -14.74 4.03 28.80
C LEU B 276 -14.99 5.34 28.03
N GLN B 277 -16.21 5.64 27.67
CA GLN B 277 -16.48 6.84 26.85
C GLN B 277 -15.95 8.09 27.56
N ASP B 278 -16.08 8.15 28.90
CA ASP B 278 -15.61 9.33 29.68
C ASP B 278 -14.09 9.35 29.63
N ALA B 279 -13.41 8.20 29.72
CA ALA B 279 -11.95 8.11 29.63
C ALA B 279 -11.51 8.61 28.25
N VAL B 280 -12.17 8.14 27.19
CA VAL B 280 -11.88 8.51 25.78
C VAL B 280 -12.07 10.02 25.62
N ASP B 281 -13.19 10.55 26.11
CA ASP B 281 -13.47 12.01 26.01
C ASP B 281 -12.35 12.80 26.70
N ARG B 282 -11.96 12.39 27.90
CA ARG B 282 -10.89 13.03 28.72
C ARG B 282 -9.61 12.98 27.88
N LEU B 283 -9.23 11.82 27.34
CA LEU B 283 -7.94 11.66 26.61
C LEU B 283 -7.95 12.48 25.31
N CYS B 284 -9.08 12.57 24.61
CA CYS B 284 -9.20 13.37 23.36
C CYS B 284 -8.98 14.85 23.70
N ALA B 285 -9.50 15.31 24.83
CA ALA B 285 -9.32 16.72 25.23
C ALA B 285 -7.85 16.92 25.61
N LEU B 286 -7.21 15.91 26.19
CA LEU B 286 -5.79 15.96 26.61
C LEU B 286 -4.89 15.98 25.37
N VAL B 287 -5.27 15.21 24.32
CA VAL B 287 -4.56 15.29 23.01
C VAL B 287 -4.57 16.74 22.58
N GLU B 288 -5.74 17.37 22.56
CA GLU B 288 -5.84 18.76 22.09
C GLU B 288 -4.99 19.70 22.96
N HIS B 289 -5.05 19.56 24.28
CA HIS B 289 -4.21 20.34 25.23
C HIS B 289 -2.75 20.29 24.79
N HIS B 290 -2.19 19.08 24.64
CA HIS B 290 -0.76 18.88 24.32
C HIS B 290 -0.44 19.30 22.89
N GLU B 291 -1.37 19.16 21.96
CA GLU B 291 -1.19 19.57 20.54
C GLU B 291 -1.07 21.10 20.45
N ARG B 292 -1.99 21.80 21.11
CA ARG B 292 -1.99 23.28 21.11
C ARG B 292 -0.79 23.82 21.89
N ALA B 293 -0.46 23.18 22.99
CA ALA B 293 0.73 23.51 23.83
C ALA B 293 2.01 23.24 23.04
N TYR B 294 2.08 22.15 22.25
CA TYR B 294 3.22 21.88 21.35
C TYR B 294 3.40 23.09 20.41
N ILE B 295 2.32 23.51 19.77
CA ILE B 295 2.30 24.61 18.76
C ILE B 295 2.75 25.91 19.44
N THR B 296 2.18 26.21 20.61
CA THR B 296 2.60 27.37 21.45
C THR B 296 4.11 27.26 21.67
N ALA B 297 4.58 26.13 22.20
CA ALA B 297 6.00 26.00 22.58
C ALA B 297 6.92 26.08 21.34
N ARG B 298 6.49 25.50 20.21
CA ARG B 298 7.25 25.55 18.95
C ARG B 298 7.37 27.00 18.48
N ASP B 299 6.24 27.70 18.46
CA ASP B 299 6.11 29.13 18.08
C ASP B 299 7.00 29.99 18.98
N ALA B 300 7.10 29.67 20.27
CA ALA B 300 7.97 30.38 21.24
C ALA B 300 9.44 30.17 20.83
N VAL B 301 9.83 28.98 20.38
CA VAL B 301 11.23 28.75 19.90
C VAL B 301 11.40 29.51 18.59
N LEU B 302 10.41 29.48 17.72
CA LEU B 302 10.51 30.19 16.42
C LEU B 302 10.62 31.71 16.67
N ALA B 303 10.05 32.23 17.74
CA ALA B 303 10.01 33.68 18.04
C ALA B 303 11.24 34.07 18.86
N GLY B 304 11.97 33.10 19.38
CA GLY B 304 13.07 33.34 20.33
C GLY B 304 14.41 33.48 19.62
N PRO B 305 15.48 33.63 20.41
CA PRO B 305 16.81 33.93 19.85
C PRO B 305 17.47 32.84 18.98
N HIS B 306 16.91 31.62 18.91
CA HIS B 306 17.40 30.55 17.98
C HIS B 306 16.39 30.33 16.85
N GLY B 307 15.28 31.07 16.82
CA GLY B 307 14.15 30.81 15.92
C GLY B 307 14.45 31.17 14.48
N HIS B 308 15.47 32.00 14.25
CA HIS B 308 15.82 32.47 12.90
C HIS B 308 16.73 31.43 12.26
N ARG B 309 17.32 30.52 13.06
CA ARG B 309 18.24 29.47 12.52
C ARG B 309 17.43 28.52 11.65
N GLU B 310 17.95 28.20 10.47
CA GLU B 310 17.29 27.35 9.44
C GLU B 310 17.25 25.89 9.91
N ASP B 311 18.30 25.43 10.57
CA ASP B 311 18.40 24.05 11.10
C ASP B 311 17.34 23.88 12.19
N VAL B 312 17.14 24.87 13.06
CA VAL B 312 16.09 24.84 14.12
C VAL B 312 14.70 24.80 13.48
N ARG B 313 14.45 25.66 12.49
CA ARG B 313 13.18 25.65 11.70
C ARG B 313 12.92 24.28 11.06
N ALA B 314 13.95 23.64 10.53
CA ALA B 314 13.84 22.38 9.78
C ALA B 314 13.47 21.26 10.76
N TYR B 315 14.14 21.24 11.89
CA TYR B 315 13.87 20.30 12.99
C TYR B 315 12.43 20.46 13.44
N LEU B 316 11.99 21.68 13.73
CA LEU B 316 10.63 21.94 14.27
C LEU B 316 9.59 21.52 13.24
N SER B 317 9.80 21.83 11.95
CA SER B 317 8.95 21.29 10.84
C SER B 317 8.98 19.75 10.84
N GLY B 318 10.15 19.15 11.04
CA GLY B 318 10.27 17.70 11.22
C GLY B 318 9.33 17.18 12.28
N LEU B 319 9.31 17.79 13.48
CA LEU B 319 8.46 17.36 14.61
C LEU B 319 6.99 17.56 14.19
N ASP B 320 6.67 18.66 13.54
CA ASP B 320 5.31 18.91 13.02
C ASP B 320 4.84 17.70 12.21
N HIS B 321 5.66 17.21 11.27
CA HIS B 321 5.29 16.11 10.34
C HIS B 321 5.31 14.76 11.07
N LEU B 322 6.22 14.57 12.02
CA LEU B 322 6.25 13.35 12.86
C LEU B 322 4.89 13.24 13.60
N ILE B 323 4.40 14.34 14.16
CA ILE B 323 3.21 14.34 15.04
C ILE B 323 1.96 14.13 14.18
N GLY B 324 1.80 14.92 13.12
CA GLY B 324 0.70 14.74 12.15
C GLY B 324 0.72 13.35 11.51
N GLY B 325 1.90 12.89 11.06
CA GLY B 325 2.04 11.65 10.27
C GLY B 325 1.85 10.42 11.12
N SER B 326 2.30 10.43 12.38
CA SER B 326 2.14 9.28 13.31
C SER B 326 0.64 8.96 13.47
N GLN B 327 -0.19 9.98 13.61
CA GLN B 327 -1.64 9.81 13.79
C GLN B 327 -2.30 9.27 12.49
N GLU B 328 -1.93 9.79 11.33
CA GLU B 328 -2.40 9.27 10.03
C GLU B 328 -2.04 7.78 10.01
N PHE B 329 -0.80 7.46 10.35
CA PHE B 329 -0.34 6.06 10.34
C PHE B 329 -1.22 5.20 11.28
N GLU B 330 -1.52 5.74 12.44
CA GLU B 330 -2.22 4.96 13.51
C GLU B 330 -3.66 4.69 13.10
N TYR B 331 -4.27 5.52 12.26
CA TYR B 331 -5.60 5.20 11.69
C TYR B 331 -5.51 4.07 10.64
N LEU B 332 -4.34 3.95 10.00
CA LEU B 332 -4.10 3.16 8.75
C LEU B 332 -3.83 1.68 9.11
N THR B 333 -3.19 1.43 10.24
CA THR B 333 -2.50 0.15 10.51
C THR B 333 -3.46 -0.93 11.00
N PRO B 334 -3.46 -2.12 10.34
CA PRO B 334 -4.06 -3.31 10.91
C PRO B 334 -3.46 -3.73 12.25
N ARG B 335 -2.32 -3.16 12.65
CA ARG B 335 -1.79 -3.44 14.03
C ARG B 335 -2.85 -2.99 15.05
N TYR B 336 -3.65 -1.96 14.73
CA TYR B 336 -4.64 -1.39 15.67
C TYR B 336 -6.06 -1.71 15.24
N PHE B 337 -6.35 -1.88 13.95
CA PHE B 337 -7.73 -2.12 13.49
C PHE B 337 -7.93 -3.60 13.18
N GLY B 338 -6.91 -4.40 13.41
CA GLY B 338 -7.06 -5.87 13.35
C GLY B 338 -6.54 -6.43 12.05
N ASP B 339 -5.90 -7.60 12.14
CA ASP B 339 -5.43 -8.28 10.91
C ASP B 339 -6.66 -8.54 10.03
N GLY B 340 -6.61 -8.11 8.78
CA GLY B 340 -7.69 -8.26 7.79
C GLY B 340 -8.27 -6.92 7.43
N SER B 341 -8.14 -5.94 8.34
CA SER B 341 -8.69 -4.57 8.18
C SER B 341 -7.92 -3.92 7.03
N VAL B 342 -8.62 -3.05 6.35
CA VAL B 342 -8.06 -2.19 5.28
C VAL B 342 -8.65 -0.81 5.49
N TRP B 343 -7.81 0.19 5.73
CA TRP B 343 -8.32 1.55 6.05
C TRP B 343 -9.12 2.11 4.86
N ASP B 344 -10.25 2.75 5.15
CA ASP B 344 -11.13 3.40 4.14
C ASP B 344 -11.07 4.92 4.29
N GLY B 345 -10.17 5.41 5.13
CA GLY B 345 -9.88 6.84 5.31
C GLY B 345 -10.70 7.45 6.42
N SER B 346 -11.70 6.73 6.97
CA SER B 346 -12.56 7.21 8.08
C SER B 346 -11.69 7.42 9.34
N THR B 347 -11.94 8.47 10.13
CA THR B 347 -11.07 8.86 11.27
C THR B 347 -11.84 9.11 12.56
N SER B 348 -13.17 9.06 12.51
CA SER B 348 -14.03 9.35 13.68
C SER B 348 -15.30 8.52 13.56
N GLY B 349 -15.79 8.03 14.68
CA GLY B 349 -17.10 7.41 14.72
C GLY B 349 -17.06 6.33 15.75
N TRP B 350 -17.94 5.35 15.59
CA TRP B 350 -18.16 4.25 16.56
C TRP B 350 -17.25 3.10 16.16
N ILE B 351 -16.60 2.51 17.14
CA ILE B 351 -15.61 1.44 16.91
C ILE B 351 -15.82 0.37 17.96
N SER B 352 -15.78 -0.89 17.53
CA SER B 352 -15.96 -2.12 18.35
C SER B 352 -14.72 -2.33 19.18
N LEU B 353 -14.91 -2.49 20.48
CA LEU B 353 -13.76 -2.65 21.40
C LEU B 353 -13.21 -4.06 21.23
N THR B 354 -14.11 -4.99 20.90
CA THR B 354 -13.96 -6.47 21.03
C THR B 354 -13.73 -7.16 19.67
N ALA B 355 -14.40 -6.72 18.58
CA ALA B 355 -14.37 -7.40 17.27
C ALA B 355 -12.92 -7.56 16.80
N SER B 356 -12.63 -8.62 16.04
CA SER B 356 -11.26 -9.02 15.61
C SER B 356 -10.75 -7.98 14.61
N VAL B 357 -11.67 -7.28 13.98
CA VAL B 357 -11.40 -6.32 12.87
C VAL B 357 -12.35 -5.15 13.10
N ALA B 358 -11.86 -3.91 13.05
CA ALA B 358 -12.70 -2.76 13.40
C ALA B 358 -12.49 -1.63 12.41
N ARG B 359 -13.41 -0.68 12.44
CA ARG B 359 -13.38 0.54 11.61
C ARG B 359 -14.36 1.53 12.24
N PHE B 360 -14.25 2.80 11.88
CA PHE B 360 -15.14 3.86 12.39
C PHE B 360 -16.45 3.77 11.60
N ARG B 361 -17.56 3.56 12.29
CA ARG B 361 -18.91 3.56 11.67
C ARG B 361 -19.60 4.87 12.07
N ASP B 362 -20.35 5.47 11.16
CA ASP B 362 -21.03 6.77 11.42
C ASP B 362 -22.26 6.56 12.33
N ALA B 363 -22.51 5.35 12.85
CA ALA B 363 -23.56 5.09 13.88
C ALA B 363 -23.32 3.79 14.66
N PRO B 364 -23.85 3.68 15.91
CA PRO B 364 -23.60 2.51 16.76
C PRO B 364 -24.35 1.24 16.31
#